data_3S5Y
#
_entry.id   3S5Y
#
_cell.length_a   136.813
_cell.length_b   182.635
_cell.length_c   47.730
_cell.angle_alpha   90.000
_cell.angle_beta   90.000
_cell.angle_gamma   90.000
#
_symmetry.space_group_name_H-M   'P 21 21 2'
#
loop_
_entity.id
_entity.type
_entity.pdbx_description
1 polymer 'Alpha-galactosidase A'
2 branched beta-D-xylopyranose-(1-2)-[alpha-D-mannopyranose-(1-3)][alpha-D-mannopyranose-(1-6)]beta-D-mannopyranose-(1-4)-2-acetamido-2-deoxy-beta-D-glucopyranose-(1-4)-[alpha-L-fucopyranose-(1-3)]2-acetamido-2-deoxy-beta-D-glucopyranose
3 branched beta-D-xylopyranose-(1-2)-beta-D-mannopyranose-(1-4)-2-acetamido-2-deoxy-beta-D-glucopyranose-(1-4)-[alpha-L-fucopyranose-(1-3)]2-acetamido-2-deoxy-beta-D-glucopyranose
4 branched alpha-L-fucopyranose-(1-3)-[2-acetamido-2-deoxy-beta-D-glucopyranose-(1-4)]2-acetamido-2-deoxy-beta-D-glucopyranose
5 branched beta-D-xylopyranose-(1-2)-[alpha-D-mannopyranose-(1-3)]beta-D-mannopyranose-(1-4)-2-acetamido-2-deoxy-beta-D-glucopyranose-(1-4)-2-acetamido-2-deoxy-beta-D-glucopyranose
6 branched beta-D-mannopyranose-(1-4)-2-acetamido-2-deoxy-beta-D-glucopyranose-(1-4)-[alpha-L-fucopyranose-(1-3)]2-acetamido-2-deoxy-beta-D-glucopyranose
7 non-polymer (2R,3S,4R,5S)-2-(hydroxymethyl)piperidine-3,4,5-triol
8 non-polymer 'NONAETHYLENE GLYCOL'
9 non-polymer 2-acetamido-2-deoxy-beta-D-glucopyranose
10 non-polymer 1,2-ETHANEDIOL
11 non-polymer 'ACETIC ACID'
12 water water
#
_entity_poly.entity_id   1
_entity_poly.type   'polypeptide(L)'
_entity_poly.pdbx_seq_one_letter_code
;LDNGLARTPTMGWLHWERFMCNLDCQEEPDSCISEKLFMEMAELMVSEGWKDAGYEYLCIDDCWMAPQRDSEGRLQADPQ
RFPHGIRQLANYVHSKGLKLGIYADVGNKTCAGFPGSFGYYDIDAQTFADWGVDLLKFDGCYCDSLENLADGYKHMSLAL
NRTGRSIVYSCEWPLYMWPFQKPNYTEIRQYCNHWRNFADIDDSWKSIKSILDWTSFNQERIVDVAGPGGWNDPDMLVIG
NFGLSWNQQVTQMALWAIMAAPLFMSNDLRHISPQAKALLQDKDVIAINQDPLGKQGYQLRQGDNFEVWERPLSGLAWAV
AMINRQEIGGPRSYTIAVASLGKGVACNPACFITQLLPVKRKLGFYEWTSRLRSHINPTGTVLLQLENTMQMSLKDLL
;
_entity_poly.pdbx_strand_id   A,B
#
loop_
_chem_comp.id
_chem_comp.type
_chem_comp.name
_chem_comp.formula
2PE non-polymer 'NONAETHYLENE GLYCOL' 'C18 H38 O10'
ACY non-polymer 'ACETIC ACID' 'C2 H4 O2'
BMA D-saccharide, beta linking beta-D-mannopyranose 'C6 H12 O6'
DGJ non-polymer (2R,3S,4R,5S)-2-(hydroxymethyl)piperidine-3,4,5-triol 'C6 H13 N O4'
EDO non-polymer 1,2-ETHANEDIOL 'C2 H6 O2'
FUC L-saccharide, alpha linking alpha-L-fucopyranose 'C6 H12 O5'
MAN D-saccharide, alpha linking alpha-D-mannopyranose 'C6 H12 O6'
NAG D-saccharide, beta linking 2-acetamido-2-deoxy-beta-D-glucopyranose 'C8 H15 N O6'
XYP D-saccharide, beta linking beta-D-xylopyranose 'C5 H10 O5'
#
# COMPACT_ATOMS: atom_id res chain seq x y z
N LEU A 1 -18.35 15.22 25.96
CA LEU A 1 -18.26 16.45 26.82
C LEU A 1 -19.38 17.41 26.45
N ASP A 2 -20.11 17.88 27.46
CA ASP A 2 -21.33 18.65 27.26
C ASP A 2 -21.04 20.16 27.19
N ASN A 3 -20.23 20.54 26.21
CA ASN A 3 -19.89 21.94 26.00
C ASN A 3 -20.54 22.53 24.75
N GLY A 4 -21.45 21.77 24.13
CA GLY A 4 -22.13 22.20 22.91
C GLY A 4 -21.29 22.11 21.64
N LEU A 5 -20.07 21.58 21.75
CA LEU A 5 -19.19 21.43 20.59
C LEU A 5 -19.17 19.99 20.13
N ALA A 6 -18.64 19.78 18.93
CA ALA A 6 -18.56 18.44 18.33
C ALA A 6 -19.89 17.68 18.37
N ARG A 7 -20.99 18.35 18.02
CA ARG A 7 -22.28 17.68 17.95
C ARG A 7 -22.32 16.75 16.76
N THR A 8 -21.43 16.99 15.79
CA THR A 8 -21.05 16.01 14.78
C THR A 8 -19.53 15.90 14.86
N PRO A 9 -18.95 14.84 14.29
CA PRO A 9 -17.50 14.73 14.43
C PRO A 9 -16.74 15.92 13.83
N THR A 10 -15.67 16.32 14.50
CA THR A 10 -14.89 17.49 14.11
C THR A 10 -14.12 17.18 12.83
N MET A 11 -14.06 18.16 11.94
CA MET A 11 -13.34 18.05 10.68
C MET A 11 -12.27 19.13 10.58
N GLY A 12 -11.12 18.77 10.04
CA GLY A 12 -10.06 19.76 9.91
C GLY A 12 -8.81 19.18 9.30
N TRP A 13 -7.70 19.84 9.57
CA TRP A 13 -6.39 19.42 9.13
C TRP A 13 -5.47 19.45 10.33
N LEU A 14 -4.59 18.46 10.44
CA LEU A 14 -3.62 18.36 11.52
C LEU A 14 -2.28 18.01 10.91
N HIS A 15 -1.21 18.65 11.36
CA HIS A 15 0.07 18.59 10.65
C HIS A 15 0.88 17.31 10.86
N TRP A 16 0.55 16.56 11.91
CA TRP A 16 1.51 15.60 12.47
C TRP A 16 2.00 14.50 11.52
N GLU A 17 1.10 13.70 10.98
CA GLU A 17 1.53 12.54 10.17
C GLU A 17 2.39 12.95 8.99
N ARG A 18 1.98 13.97 8.24
CA ARG A 18 2.69 14.39 7.03
C ARG A 18 3.94 15.24 7.33
N PHE A 19 3.88 16.07 8.36
CA PHE A 19 4.95 17.06 8.61
C PHE A 19 5.76 16.79 9.89
N MET A 20 5.14 16.11 10.85
CA MET A 20 5.83 15.60 12.05
C MET A 20 6.58 16.70 12.83
N CYS A 21 7.82 16.42 13.23
CA CYS A 21 8.59 17.35 14.05
C CYS A 21 9.79 17.91 13.29
N ASN A 22 9.52 18.42 12.09
CA ASN A 22 10.57 19.00 11.26
C ASN A 22 10.91 20.44 11.70
N LEU A 23 12.10 20.62 12.26
CA LEU A 23 12.54 21.92 12.76
C LEU A 23 13.61 22.56 11.88
N ASP A 24 13.93 21.89 10.77
CA ASP A 24 15.01 22.30 9.89
C ASP A 24 14.50 23.35 8.91
N CYS A 25 14.24 24.55 9.42
CA CYS A 25 13.71 25.61 8.58
CA CYS A 25 13.74 25.67 8.64
C CYS A 25 14.79 26.23 7.67
N GLN A 26 16.05 26.00 7.99
CA GLN A 26 17.15 26.50 7.16
C GLN A 26 17.14 25.80 5.80
N GLU A 27 17.16 24.47 5.82
CA GLU A 27 17.21 23.66 4.60
C GLU A 27 15.82 23.31 4.04
N GLU A 28 14.81 23.23 4.89
CA GLU A 28 13.45 22.88 4.46
C GLU A 28 12.42 23.90 4.96
N PRO A 29 12.52 25.15 4.47
CA PRO A 29 11.66 26.23 4.96
C PRO A 29 10.16 26.04 4.70
N ASP A 30 9.82 25.34 3.62
CA ASP A 30 8.41 25.16 3.27
C ASP A 30 7.76 23.97 3.96
N SER A 31 8.57 23.09 4.56
CA SER A 31 8.07 21.87 5.18
C SER A 31 8.27 21.84 6.68
N CYS A 32 9.00 22.80 7.23
CA CYS A 32 9.26 22.79 8.67
C CYS A 32 8.05 23.35 9.41
N ILE A 33 7.94 23.04 10.70
CA ILE A 33 6.78 23.45 11.47
C ILE A 33 6.93 24.92 11.82
N SER A 34 6.23 25.77 11.07
CA SER A 34 6.37 27.21 11.22
C SER A 34 5.04 27.89 10.97
N GLU A 35 4.96 29.18 11.27
CA GLU A 35 3.74 29.95 11.02
C GLU A 35 3.45 30.04 9.51
N LYS A 36 4.49 29.95 8.70
CA LYS A 36 4.34 29.99 7.25
C LYS A 36 3.50 28.79 6.79
N LEU A 37 3.86 27.61 7.27
CA LEU A 37 3.19 26.39 6.89
C LEU A 37 1.69 26.51 7.20
N PHE A 38 1.37 26.96 8.40
CA PHE A 38 -0.02 27.01 8.84
C PHE A 38 -0.82 28.10 8.12
N MET A 39 -0.15 29.22 7.81
CA MET A 39 -0.75 30.30 7.02
C MET A 39 -1.07 29.82 5.60
N GLU A 40 -0.14 29.10 4.98
CA GLU A 40 -0.36 28.53 3.65
C GLU A 40 -1.52 27.53 3.64
N MET A 41 -1.55 26.63 4.62
CA MET A 41 -2.66 25.66 4.69
C MET A 41 -4.00 26.36 4.87
N ALA A 42 -4.03 27.41 5.69
CA ALA A 42 -5.24 28.19 5.92
C ALA A 42 -5.78 28.78 4.61
N GLU A 43 -4.90 29.42 3.85
CA GLU A 43 -5.25 29.99 2.56
C GLU A 43 -5.87 28.96 1.62
N LEU A 44 -5.25 27.78 1.56
CA LEU A 44 -5.70 26.71 0.67
C LEU A 44 -7.00 26.07 1.16
N MET A 45 -7.20 26.04 2.46
CA MET A 45 -8.42 25.49 3.01
C MET A 45 -9.63 26.28 2.52
N VAL A 46 -9.45 27.58 2.34
CA VAL A 46 -10.50 28.44 1.80
C VAL A 46 -10.59 28.34 0.28
N SER A 47 -9.47 28.53 -0.41
CA SER A 47 -9.47 28.66 -1.86
C SER A 47 -9.74 27.35 -2.61
N GLU A 48 -9.31 26.21 -2.07
CA GLU A 48 -9.46 24.93 -2.77
C GLU A 48 -10.67 24.11 -2.33
N GLY A 49 -11.61 24.71 -1.60
CA GLY A 49 -12.88 24.05 -1.27
C GLY A 49 -12.95 23.26 0.03
N TRP A 50 -11.85 23.22 0.77
CA TRP A 50 -11.81 22.38 1.98
C TRP A 50 -12.79 22.88 3.05
N LYS A 51 -12.77 24.19 3.29
CA LYS A 51 -13.70 24.82 4.22
C LYS A 51 -15.15 24.56 3.81
N ASP A 52 -15.46 24.69 2.52
CA ASP A 52 -16.83 24.46 2.02
C ASP A 52 -17.27 23.00 2.18
N ALA A 53 -16.33 22.07 2.11
CA ALA A 53 -16.62 20.66 2.35
C ALA A 53 -16.87 20.35 3.84
N GLY A 54 -16.45 21.26 4.71
CA GLY A 54 -16.68 21.16 6.16
C GLY A 54 -15.43 21.11 7.02
N TYR A 55 -14.26 21.12 6.37
CA TYR A 55 -13.00 21.06 7.10
C TYR A 55 -12.66 22.43 7.67
N GLU A 56 -12.90 22.57 8.98
CA GLU A 56 -12.99 23.87 9.64
C GLU A 56 -11.84 24.18 10.58
N TYR A 57 -11.23 23.15 11.19
CA TYR A 57 -10.24 23.37 12.23
C TYR A 57 -8.83 23.14 11.69
N LEU A 58 -8.00 24.17 11.74
CA LEU A 58 -6.61 24.07 11.31
C LEU A 58 -5.81 23.86 12.58
N CYS A 59 -5.24 22.67 12.73
CA CYS A 59 -4.67 22.25 14.01
C CYS A 59 -3.16 22.09 13.97
N ILE A 60 -2.52 22.69 14.96
CA ILE A 60 -1.09 22.54 15.22
C ILE A 60 -0.92 21.34 16.15
N ASP A 61 0.01 20.45 15.83
CA ASP A 61 0.33 19.31 16.69
C ASP A 61 1.63 19.63 17.46
N ASP A 62 2.42 18.62 17.81
CA ASP A 62 3.60 18.80 18.65
C ASP A 62 4.68 19.58 17.90
N CYS A 63 5.60 20.17 18.67
CA CYS A 63 6.81 20.85 18.16
C CYS A 63 6.61 22.32 17.72
N TRP A 64 5.55 22.94 18.20
CA TRP A 64 5.33 24.39 17.99
C TRP A 64 5.96 25.24 19.07
N MET A 65 6.33 24.63 20.20
CA MET A 65 6.76 25.38 21.39
C MET A 65 8.23 25.74 21.38
N ALA A 66 8.57 26.79 22.13
CA ALA A 66 9.94 27.11 22.47
C ALA A 66 10.42 26.08 23.47
N PRO A 67 11.75 25.91 23.59
CA PRO A 67 12.28 24.91 24.52
C PRO A 67 11.90 25.16 25.99
N GLN A 68 11.60 26.40 26.35
CA GLN A 68 11.31 26.76 27.74
C GLN A 68 10.10 27.67 27.86
N ARG A 69 9.47 27.61 29.02
CA ARG A 69 8.42 28.55 29.38
C ARG A 69 9.01 29.94 29.58
N ASP A 70 8.18 30.97 29.50
CA ASP A 70 8.65 32.34 29.74
C ASP A 70 8.71 32.62 31.24
N SER A 71 9.15 33.83 31.59
CA SER A 71 9.35 34.21 32.99
C SER A 71 8.07 34.21 33.81
N GLU A 72 6.92 34.32 33.13
CA GLU A 72 5.62 34.22 33.80
C GLU A 72 5.08 32.79 33.83
N GLY A 73 5.89 31.83 33.38
CA GLY A 73 5.53 30.43 33.43
C GLY A 73 4.59 29.98 32.32
N ARG A 74 4.50 30.77 31.26
CA ARG A 74 3.59 30.49 30.14
C ARG A 74 4.35 29.72 29.08
N LEU A 75 3.62 28.94 28.30
CA LEU A 75 4.16 28.35 27.08
C LEU A 75 4.42 29.46 26.09
N GLN A 76 5.46 29.32 25.28
CA GLN A 76 5.72 30.26 24.20
C GLN A 76 5.87 29.54 22.86
N ALA A 77 5.40 30.17 21.80
CA ALA A 77 5.61 29.66 20.46
C ALA A 77 7.09 29.82 20.18
N ASP A 78 7.67 28.91 19.41
CA ASP A 78 9.09 29.05 19.08
C ASP A 78 9.30 30.41 18.42
N PRO A 79 10.24 31.21 18.97
CA PRO A 79 10.47 32.56 18.45
C PRO A 79 10.99 32.64 17.01
N GLN A 80 11.74 31.64 16.56
CA GLN A 80 12.26 31.66 15.18
C GLN A 80 11.24 31.11 14.17
N ARG A 81 10.43 30.15 14.58
CA ARG A 81 9.49 29.50 13.68
C ARG A 81 8.09 30.12 13.72
N PHE A 82 7.73 30.71 14.86
CA PHE A 82 6.48 31.47 14.99
C PHE A 82 6.77 32.88 15.55
N PRO A 83 7.55 33.69 14.81
CA PRO A 83 7.95 35.00 15.33
C PRO A 83 6.80 36.01 15.55
N HIS A 84 5.65 35.77 14.92
CA HIS A 84 4.50 36.65 15.12
C HIS A 84 3.56 36.11 16.19
N GLY A 85 3.85 34.92 16.70
CA GLY A 85 3.13 34.36 17.82
C GLY A 85 1.81 33.71 17.44
N ILE A 86 1.27 32.95 18.38
CA ILE A 86 0.06 32.19 18.14
C ILE A 86 -1.17 33.11 18.03
N ARG A 87 -1.18 34.20 18.78
CA ARG A 87 -2.33 35.14 18.73
C ARG A 87 -2.55 35.69 17.34
N GLN A 88 -1.48 36.09 16.67
CA GLN A 88 -1.58 36.58 15.28
C GLN A 88 -2.00 35.47 14.30
N LEU A 89 -1.53 34.25 14.55
CA LEU A 89 -1.93 33.11 13.73
C LEU A 89 -3.42 32.83 13.89
N ALA A 90 -3.89 32.86 15.13
CA ALA A 90 -5.30 32.66 15.44
C ALA A 90 -6.18 33.74 14.79
N ASN A 91 -5.70 34.97 14.79
CA ASN A 91 -6.42 36.06 14.14
C ASN A 91 -6.51 35.86 12.64
N TYR A 92 -5.40 35.49 12.03
CA TYR A 92 -5.34 35.20 10.59
C TYR A 92 -6.31 34.07 10.25
N VAL A 93 -6.25 33.00 11.02
CA VAL A 93 -7.12 31.84 10.78
C VAL A 93 -8.58 32.23 10.93
N HIS A 94 -8.90 32.99 11.98
CA HIS A 94 -10.27 33.46 12.22
C HIS A 94 -10.77 34.44 11.14
N SER A 95 -9.85 35.16 10.50
CA SER A 95 -10.22 36.06 9.41
C SER A 95 -10.58 35.30 8.12
N LYS A 96 -10.15 34.05 8.04
CA LYS A 96 -10.51 33.17 6.93
C LYS A 96 -11.78 32.38 7.25
N GLY A 97 -12.39 32.64 8.40
CA GLY A 97 -13.57 31.91 8.83
C GLY A 97 -13.27 30.51 9.33
N LEU A 98 -12.01 30.24 9.66
CA LEU A 98 -11.58 28.93 10.16
C LEU A 98 -11.36 29.00 11.67
N LYS A 99 -11.05 27.85 12.26
CA LYS A 99 -10.76 27.77 13.69
C LYS A 99 -9.38 27.19 13.92
N LEU A 100 -8.78 27.50 15.06
CA LEU A 100 -7.38 27.11 15.32
C LEU A 100 -7.30 26.04 16.40
N GLY A 101 -6.52 25.00 16.10
CA GLY A 101 -6.24 23.93 17.04
C GLY A 101 -4.79 23.95 17.45
N ILE A 102 -4.55 23.59 18.71
CA ILE A 102 -3.19 23.56 19.24
C ILE A 102 -2.99 22.30 20.07
N TYR A 103 -1.75 22.04 20.45
CA TYR A 103 -1.35 20.80 21.10
C TYR A 103 -0.65 21.08 22.42
N ALA A 104 -0.93 20.26 23.43
CA ALA A 104 -0.15 20.25 24.66
C ALA A 104 -0.15 18.83 25.22
N ASP A 105 0.57 18.61 26.30
CA ASP A 105 0.73 17.27 26.88
C ASP A 105 0.44 17.26 28.39
N VAL A 106 -0.29 16.24 28.84
CA VAL A 106 -0.72 16.14 30.24
C VAL A 106 0.44 15.99 31.23
N GLY A 107 1.57 15.50 30.76
CA GLY A 107 2.70 15.20 31.61
C GLY A 107 3.70 16.33 31.73
N ASN A 108 4.95 15.94 31.99
CA ASN A 108 6.03 16.88 32.23
C ASN A 108 6.65 17.41 30.96
N LYS A 109 6.61 16.59 29.91
CA LYS A 109 7.09 16.98 28.59
C LYS A 109 6.11 16.51 27.53
N THR A 110 6.16 17.12 26.34
CA THR A 110 5.42 16.60 25.20
C THR A 110 6.16 15.37 24.68
N CYS A 111 5.49 14.58 23.85
CA CYS A 111 6.10 13.37 23.33
CA CYS A 111 6.06 13.39 23.24
C CYS A 111 7.43 13.67 22.64
N ALA A 112 7.53 14.81 21.97
CA ALA A 112 8.79 15.22 21.30
C ALA A 112 9.82 15.84 22.24
N GLY A 113 9.43 16.16 23.46
CA GLY A 113 10.39 16.63 24.48
C GLY A 113 10.28 18.08 24.90
N PHE A 114 9.26 18.79 24.39
CA PHE A 114 9.03 20.18 24.75
C PHE A 114 8.26 20.27 26.07
N PRO A 115 8.04 21.49 26.59
CA PRO A 115 7.35 21.63 27.88
C PRO A 115 5.95 21.01 27.97
N GLY A 116 5.75 20.19 29.00
CA GLY A 116 4.44 19.60 29.29
C GLY A 116 3.67 20.49 30.26
N SER A 117 2.37 20.20 30.40
CA SER A 117 1.47 21.06 31.16
C SER A 117 1.25 20.62 32.62
N PHE A 118 1.84 19.51 33.05
CA PHE A 118 1.68 19.08 34.44
C PHE A 118 2.13 20.17 35.41
N GLY A 119 1.22 20.58 36.30
CA GLY A 119 1.47 21.68 37.23
C GLY A 119 1.19 23.06 36.63
N TYR A 120 0.65 23.10 35.42
CA TYR A 120 0.40 24.36 34.72
C TYR A 120 -0.94 24.35 33.97
N TYR A 121 -1.87 23.48 34.37
CA TYR A 121 -3.07 23.27 33.58
C TYR A 121 -3.91 24.53 33.45
N ASP A 122 -4.02 25.29 34.55
CA ASP A 122 -4.80 26.52 34.53
C ASP A 122 -4.11 27.63 33.75
N ILE A 123 -2.78 27.75 33.90
CA ILE A 123 -1.99 28.72 33.14
C ILE A 123 -2.19 28.51 31.64
N ASP A 124 -1.95 27.27 31.20
CA ASP A 124 -1.99 26.93 29.78
C ASP A 124 -3.38 27.05 29.18
N ALA A 125 -4.38 26.57 29.92
CA ALA A 125 -5.77 26.67 29.50
C ALA A 125 -6.12 28.12 29.23
N GLN A 126 -5.76 28.97 30.19
CA GLN A 126 -6.03 30.40 30.08
C GLN A 126 -5.20 31.05 28.98
N THR A 127 -3.94 30.63 28.82
CA THR A 127 -3.08 31.13 27.75
C THR A 127 -3.70 30.83 26.38
N PHE A 128 -4.18 29.60 26.20
CA PHE A 128 -4.80 29.19 24.95
C PHE A 128 -6.09 30.00 24.70
N ALA A 129 -6.95 30.13 25.70
CA ALA A 129 -8.16 30.95 25.58
C ALA A 129 -7.84 32.40 25.23
N ASP A 130 -6.81 32.95 25.88
CA ASP A 130 -6.39 34.33 25.60
C ASP A 130 -5.96 34.50 24.15
N TRP A 131 -5.25 33.50 23.63
CA TRP A 131 -4.79 33.51 22.23
C TRP A 131 -5.91 33.32 21.22
N GLY A 132 -7.04 32.77 21.67
CA GLY A 132 -8.18 32.52 20.81
C GLY A 132 -8.21 31.13 20.20
N VAL A 133 -7.48 30.21 20.83
CA VAL A 133 -7.49 28.80 20.46
C VAL A 133 -8.91 28.23 20.52
N ASP A 134 -9.25 27.40 19.54
CA ASP A 134 -10.58 26.83 19.44
C ASP A 134 -10.62 25.32 19.69
N LEU A 135 -9.47 24.67 19.65
CA LEU A 135 -9.36 23.23 19.89
C LEU A 135 -8.02 22.93 20.55
N LEU A 136 -8.05 22.05 21.55
CA LEU A 136 -6.82 21.55 22.18
C LEU A 136 -6.73 20.06 21.98
N LYS A 137 -5.64 19.59 21.38
CA LYS A 137 -5.28 18.17 21.41
C LYS A 137 -4.30 17.96 22.57
N PHE A 138 -4.65 17.04 23.47
CA PHE A 138 -3.93 16.89 24.73
C PHE A 138 -3.36 15.49 24.81
N ASP A 139 -2.04 15.41 24.67
CA ASP A 139 -1.31 14.15 24.53
C ASP A 139 -0.95 13.61 25.93
N GLY A 140 -0.52 12.34 25.99
CA GLY A 140 -0.34 11.62 27.25
C GLY A 140 1.07 11.18 27.65
N CYS A 141 2.09 11.72 27.00
CA CYS A 141 3.47 11.30 27.28
C CYS A 141 4.02 11.80 28.61
N TYR A 142 5.02 11.07 29.13
CA TYR A 142 5.77 11.48 30.32
C TYR A 142 4.87 11.75 31.54
N CYS A 143 3.91 10.87 31.73
CA CYS A 143 3.03 10.90 32.89
C CYS A 143 3.35 9.67 33.73
N ASP A 144 3.78 9.90 34.98
CA ASP A 144 4.31 8.84 35.85
C ASP A 144 3.30 7.76 36.21
N SER A 145 2.08 8.17 36.55
CA SER A 145 1.09 7.26 37.08
C SER A 145 -0.27 7.39 36.38
N LEU A 146 -1.11 6.39 36.59
CA LEU A 146 -2.48 6.41 36.08
C LEU A 146 -3.34 7.43 36.85
N GLU A 147 -3.03 7.62 38.13
CA GLU A 147 -3.68 8.66 38.94
C GLU A 147 -3.46 10.04 38.33
N ASN A 148 -2.20 10.41 38.12
CA ASN A 148 -1.83 11.67 37.47
C ASN A 148 -2.47 11.84 36.10
N LEU A 149 -2.47 10.77 35.30
CA LEU A 149 -3.01 10.79 33.94
C LEU A 149 -4.49 11.16 33.97
N ALA A 150 -5.26 10.36 34.69
CA ALA A 150 -6.69 10.60 34.87
C ALA A 150 -6.96 12.00 35.41
N ASP A 151 -6.33 12.33 36.53
CA ASP A 151 -6.52 13.62 37.17
C ASP A 151 -6.12 14.76 36.25
N GLY A 152 -5.03 14.58 35.51
CA GLY A 152 -4.55 15.58 34.56
C GLY A 152 -5.59 15.87 33.49
N TYR A 153 -6.12 14.82 32.86
CA TYR A 153 -7.10 14.99 31.79
C TYR A 153 -8.39 15.66 32.29
N LYS A 154 -8.84 15.29 33.49
CA LYS A 154 -10.00 15.90 34.12
C LYS A 154 -9.73 17.36 34.49
N HIS A 155 -8.55 17.61 35.07
CA HIS A 155 -8.17 18.97 35.46
C HIS A 155 -8.17 19.93 34.27
N MET A 156 -7.61 19.49 33.15
CA MET A 156 -7.50 20.35 31.98
C MET A 156 -8.87 20.61 31.36
N SER A 157 -9.72 19.59 31.34
CA SER A 157 -11.09 19.74 30.88
C SER A 157 -11.81 20.85 31.65
N LEU A 158 -11.70 20.78 32.98
CA LEU A 158 -12.30 21.80 33.84
C LEU A 158 -11.63 23.16 33.66
N ALA A 159 -10.32 23.17 33.46
CA ALA A 159 -9.58 24.43 33.29
C ALA A 159 -10.03 25.13 32.02
N LEU A 160 -10.22 24.37 30.95
CA LEU A 160 -10.69 24.93 29.68
C LEU A 160 -12.08 25.52 29.85
N ASN A 161 -12.93 24.79 30.57
CA ASN A 161 -14.29 25.25 30.81
C ASN A 161 -14.33 26.59 31.57
N ARG A 162 -13.46 26.73 32.56
CA ARG A 162 -13.43 27.94 33.39
C ARG A 162 -13.00 29.21 32.64
N THR A 163 -12.28 29.06 31.54
CA THR A 163 -11.88 30.22 30.72
C THR A 163 -13.11 30.91 30.13
N GLY A 164 -14.18 30.15 29.92
CA GLY A 164 -15.40 30.69 29.31
C GLY A 164 -15.38 30.63 27.79
N ARG A 165 -14.25 30.21 27.21
CA ARG A 165 -14.16 30.06 25.77
C ARG A 165 -14.51 28.62 25.39
N SER A 166 -15.31 28.48 24.33
CA SER A 166 -15.65 27.17 23.76
C SER A 166 -14.43 26.57 23.10
N ILE A 167 -13.90 25.49 23.69
CA ILE A 167 -12.72 24.82 23.13
C ILE A 167 -12.97 23.33 23.01
N VAL A 168 -12.86 22.80 21.78
CA VAL A 168 -12.96 21.35 21.57
C VAL A 168 -11.81 20.68 22.30
N TYR A 169 -12.14 19.66 23.08
CA TYR A 169 -11.14 18.97 23.89
C TYR A 169 -10.92 17.54 23.35
N SER A 170 -9.76 17.34 22.74
CA SER A 170 -9.36 16.11 22.08
C SER A 170 -8.29 15.40 22.95
N CYS A 171 -8.67 14.25 23.51
N CYS A 171 -8.64 14.26 23.54
CA CYS A 171 -7.90 13.53 24.53
CA CYS A 171 -7.73 13.63 24.49
C CYS A 171 -7.18 12.29 23.97
C CYS A 171 -7.18 12.30 23.98
N GLU A 172 -6.15 11.83 24.67
CA GLU A 172 -5.51 10.54 24.34
C GLU A 172 -5.51 9.65 25.59
N TRP A 173 -6.44 9.97 26.48
CA TRP A 173 -6.61 9.30 27.77
C TRP A 173 -6.71 7.77 27.64
N PRO A 174 -7.66 7.25 26.84
CA PRO A 174 -7.76 5.78 26.77
C PRO A 174 -6.53 5.10 26.19
N LEU A 175 -5.99 5.66 25.11
CA LEU A 175 -4.76 5.12 24.50
C LEU A 175 -3.67 4.91 25.54
N TYR A 176 -3.41 5.92 26.36
CA TYR A 176 -2.27 5.88 27.26
C TYR A 176 -2.50 5.06 28.55
N MET A 177 -3.76 4.76 28.88
CA MET A 177 -4.04 3.89 30.04
C MET A 177 -4.46 2.47 29.70
N TRP A 178 -4.82 2.20 28.43
CA TRP A 178 -5.19 0.86 27.98
C TRP A 178 -4.20 -0.24 28.41
N PRO A 179 -2.89 -0.04 28.17
CA PRO A 179 -1.91 -1.07 28.53
C PRO A 179 -1.99 -1.53 30.00
N PHE A 180 -2.33 -0.62 30.91
CA PHE A 180 -2.28 -0.87 32.35
C PHE A 180 -3.67 -1.11 32.97
N GLN A 181 -4.70 -0.48 32.43
CA GLN A 181 -6.06 -0.59 32.98
C GLN A 181 -7.13 -0.34 31.92
N LYS A 182 -8.25 -1.07 32.04
CA LYS A 182 -9.37 -0.89 31.13
C LYS A 182 -10.00 0.50 31.32
N PRO A 183 -10.08 1.30 30.24
CA PRO A 183 -10.61 2.66 30.39
C PRO A 183 -12.10 2.67 30.76
N ASN A 184 -12.50 3.70 31.49
CA ASN A 184 -13.91 3.93 31.79
C ASN A 184 -14.45 4.99 30.83
N TYR A 185 -15.10 4.53 29.77
CA TYR A 185 -15.55 5.39 28.68
C TYR A 185 -16.67 6.34 29.10
N THR A 186 -17.45 5.93 30.10
CA THR A 186 -18.48 6.81 30.64
C THR A 186 -17.85 8.05 31.26
N GLU A 187 -16.82 7.82 32.08
CA GLU A 187 -15.99 8.91 32.61
C GLU A 187 -15.29 9.71 31.51
N ILE A 188 -14.64 9.02 30.56
CA ILE A 188 -13.90 9.70 29.49
C ILE A 188 -14.84 10.61 28.69
N ARG A 189 -16.02 10.09 28.35
CA ARG A 189 -17.01 10.87 27.60
C ARG A 189 -17.44 12.15 28.32
N GLN A 190 -17.55 12.11 29.65
CA GLN A 190 -17.95 13.29 30.42
C GLN A 190 -16.95 14.45 30.30
N TYR A 191 -15.68 14.13 30.06
CA TYR A 191 -14.61 15.11 30.09
C TYR A 191 -14.04 15.51 28.72
N CYS A 192 -14.25 14.70 27.70
CA CYS A 192 -13.61 14.88 26.39
C CYS A 192 -14.61 14.91 25.24
N ASN A 193 -14.28 15.67 24.19
CA ASN A 193 -15.08 15.71 22.94
C ASN A 193 -14.70 14.58 21.97
N HIS A 194 -13.43 14.19 21.96
CA HIS A 194 -13.05 12.93 21.36
C HIS A 194 -11.78 12.36 21.99
N TRP A 195 -11.57 11.06 21.77
CA TRP A 195 -10.50 10.33 22.43
C TRP A 195 -9.85 9.29 21.53
N ARG A 196 -8.52 9.34 21.48
CA ARG A 196 -7.71 8.34 20.80
C ARG A 196 -7.70 7.04 21.60
N ASN A 197 -8.08 5.94 20.96
CA ASN A 197 -8.07 4.61 21.58
C ASN A 197 -6.82 3.80 21.24
N PHE A 198 -6.24 4.03 20.06
CA PHE A 198 -5.22 3.14 19.51
C PHE A 198 -3.98 3.87 19.02
N ALA A 199 -2.97 3.08 18.70
CA ALA A 199 -1.64 3.57 18.31
C ALA A 199 -1.68 4.51 17.11
N ASP A 200 -0.65 5.36 17.02
CA ASP A 200 -0.54 6.35 15.95
C ASP A 200 -0.68 5.71 14.58
N ILE A 201 -1.52 6.32 13.75
CA ILE A 201 -1.64 5.94 12.35
C ILE A 201 -0.34 6.35 11.64
N ASP A 202 -0.01 5.62 10.59
CA ASP A 202 1.02 6.10 9.67
C ASP A 202 0.56 5.91 8.23
N ASP A 203 1.42 6.20 7.28
CA ASP A 203 1.08 6.20 5.85
C ASP A 203 1.22 4.78 5.29
N SER A 204 0.40 3.87 5.82
CA SER A 204 0.46 2.47 5.39
C SER A 204 -0.88 1.77 5.50
N TRP A 205 -1.10 0.81 4.62
CA TRP A 205 -2.28 -0.03 4.64
C TRP A 205 -2.28 -0.92 5.90
N LYS A 206 -1.10 -1.40 6.29
CA LYS A 206 -0.97 -2.18 7.52
C LYS A 206 -1.57 -1.44 8.71
N SER A 207 -1.31 -0.14 8.81
CA SER A 207 -1.78 0.64 9.95
C SER A 207 -3.29 0.89 9.85
N ILE A 208 -3.83 1.14 8.65
CA ILE A 208 -5.29 1.26 8.47
C ILE A 208 -5.98 -0.03 8.96
N LYS A 209 -5.50 -1.16 8.45
CA LYS A 209 -6.01 -2.49 8.82
C LYS A 209 -6.00 -2.71 10.32
N SER A 210 -4.89 -2.35 10.97
CA SER A 210 -4.75 -2.57 12.40
C SER A 210 -5.79 -1.76 13.16
N ILE A 211 -6.00 -0.52 12.74
CA ILE A 211 -6.97 0.34 13.39
C ILE A 211 -8.39 -0.25 13.28
N LEU A 212 -8.75 -0.73 12.09
CA LEU A 212 -10.08 -1.31 11.88
C LEU A 212 -10.26 -2.60 12.65
N ASP A 213 -9.23 -3.45 12.64
CA ASP A 213 -9.26 -4.72 13.37
C ASP A 213 -9.34 -4.54 14.89
N TRP A 214 -8.61 -3.56 15.43
CA TRP A 214 -8.68 -3.24 16.86
C TRP A 214 -10.03 -2.62 17.25
N THR A 215 -10.59 -1.80 16.35
CA THR A 215 -11.91 -1.22 16.57
C THR A 215 -12.97 -2.30 16.61
N SER A 216 -13.02 -3.13 15.56
CA SER A 216 -14.02 -4.19 15.48
C SER A 216 -13.90 -5.18 16.65
N PHE A 217 -12.67 -5.53 17.01
CA PHE A 217 -12.43 -6.40 18.16
C PHE A 217 -12.99 -5.79 19.45
N ASN A 218 -12.82 -4.48 19.62
CA ASN A 218 -13.27 -3.79 20.83
C ASN A 218 -14.61 -3.07 20.65
N GLN A 219 -15.39 -3.42 19.64
CA GLN A 219 -16.56 -2.59 19.30
C GLN A 219 -17.70 -2.68 20.35
N GLU A 220 -17.75 -3.77 21.10
CA GLU A 220 -18.73 -3.90 22.19
C GLU A 220 -18.49 -2.87 23.29
N ARG A 221 -17.22 -2.49 23.49
CA ARG A 221 -16.86 -1.54 24.53
C ARG A 221 -17.05 -0.08 24.08
N ILE A 222 -16.75 0.22 22.81
CA ILE A 222 -16.61 1.61 22.39
C ILE A 222 -17.69 2.21 21.49
N VAL A 223 -18.43 1.37 20.77
CA VAL A 223 -19.39 1.89 19.78
C VAL A 223 -20.54 2.66 20.40
N ASP A 224 -21.13 2.11 21.46
CA ASP A 224 -22.33 2.71 22.08
C ASP A 224 -22.03 3.97 22.88
N VAL A 225 -20.77 4.16 23.29
CA VAL A 225 -20.40 5.35 24.05
C VAL A 225 -20.27 6.59 23.17
N ALA A 226 -20.09 6.40 21.86
CA ALA A 226 -20.01 7.52 20.92
C ALA A 226 -21.39 8.15 20.65
N GLY A 227 -21.36 9.45 20.38
CA GLY A 227 -22.58 10.21 20.11
C GLY A 227 -22.27 11.69 20.12
N PRO A 228 -23.25 12.53 19.75
CA PRO A 228 -23.04 13.97 19.70
C PRO A 228 -22.29 14.48 20.93
N GLY A 229 -21.14 15.11 20.71
CA GLY A 229 -20.35 15.69 21.79
C GLY A 229 -19.17 14.86 22.26
N GLY A 230 -19.09 13.60 21.82
CA GLY A 230 -18.04 12.67 22.25
C GLY A 230 -17.83 11.52 21.27
N TRP A 231 -16.69 11.52 20.57
CA TRP A 231 -16.43 10.57 19.51
C TRP A 231 -15.18 9.75 19.75
N ASN A 232 -15.16 8.52 19.23
CA ASN A 232 -13.95 7.73 19.16
C ASN A 232 -13.07 8.31 18.06
N ASP A 233 -11.77 8.41 18.33
CA ASP A 233 -10.81 8.97 17.37
C ASP A 233 -9.87 7.85 16.91
N PRO A 234 -10.08 7.34 15.67
CA PRO A 234 -9.17 6.34 15.10
C PRO A 234 -7.91 6.95 14.48
N ASP A 235 -7.75 8.26 14.64
CA ASP A 235 -6.60 9.03 14.18
C ASP A 235 -6.79 9.59 12.76
N MET A 236 -5.76 10.24 12.24
CA MET A 236 -5.85 11.09 11.06
C MET A 236 -6.18 10.35 9.76
N LEU A 237 -6.81 11.07 8.83
CA LEU A 237 -6.91 10.62 7.45
C LEU A 237 -5.55 10.85 6.79
N VAL A 238 -5.03 9.82 6.14
CA VAL A 238 -3.73 9.92 5.46
C VAL A 238 -3.86 9.87 3.93
N ILE A 239 -5.07 10.08 3.44
CA ILE A 239 -5.35 10.16 2.01
C ILE A 239 -4.61 11.36 1.41
N GLY A 240 -4.05 11.19 0.22
CA GLY A 240 -3.29 12.26 -0.44
C GLY A 240 -1.79 12.22 -0.20
N ASN A 241 -1.34 11.24 0.58
CA ASN A 241 0.08 11.08 0.86
C ASN A 241 0.72 10.01 -0.04
N PHE A 242 1.50 9.08 0.52
CA PHE A 242 2.44 8.30 -0.27
C PHE A 242 2.29 6.77 -0.24
N GLY A 243 1.66 6.23 0.80
CA GLY A 243 1.75 4.80 1.11
C GLY A 243 0.50 3.98 0.85
N LEU A 244 -0.58 4.65 0.46
CA LEU A 244 -1.86 3.99 0.22
C LEU A 244 -2.20 3.96 -1.26
N SER A 245 -2.60 2.80 -1.76
CA SER A 245 -3.14 2.72 -3.10
C SER A 245 -4.49 3.45 -3.12
N TRP A 246 -4.99 3.71 -4.32
CA TRP A 246 -6.28 4.34 -4.50
C TRP A 246 -7.42 3.61 -3.78
N ASN A 247 -7.44 2.28 -3.89
CA ASN A 247 -8.45 1.47 -3.22
C ASN A 247 -8.34 1.54 -1.70
N GLN A 248 -7.11 1.61 -1.21
CA GLN A 248 -6.84 1.70 0.21
C GLN A 248 -7.26 3.08 0.74
N GLN A 249 -7.07 4.12 -0.09
CA GLN A 249 -7.55 5.44 0.26
C GLN A 249 -9.08 5.48 0.38
N VAL A 250 -9.78 4.85 -0.57
CA VAL A 250 -11.25 4.77 -0.56
C VAL A 250 -11.75 4.04 0.68
N THR A 251 -11.06 2.97 1.05
CA THR A 251 -11.36 2.22 2.25
C THR A 251 -11.28 3.09 3.51
N GLN A 252 -10.22 3.89 3.66
CA GLN A 252 -10.13 4.75 4.84
C GLN A 252 -11.25 5.76 4.87
N MET A 253 -11.50 6.42 3.75
CA MET A 253 -12.59 7.41 3.69
C MET A 253 -13.93 6.78 4.05
N ALA A 254 -14.25 5.64 3.43
CA ALA A 254 -15.52 4.95 3.69
C ALA A 254 -15.65 4.54 5.15
N LEU A 255 -14.59 3.94 5.70
CA LEU A 255 -14.70 3.41 7.07
C LEU A 255 -14.65 4.52 8.13
N TRP A 256 -13.89 5.58 7.89
CA TRP A 256 -13.93 6.72 8.81
C TRP A 256 -15.33 7.35 8.86
N ALA A 257 -16.08 7.26 7.77
CA ALA A 257 -17.46 7.76 7.75
C ALA A 257 -18.39 6.84 8.54
N ILE A 258 -18.22 5.53 8.34
CA ILE A 258 -18.97 4.52 9.07
C ILE A 258 -18.75 4.63 10.58
N MET A 259 -17.51 4.90 10.97
CA MET A 259 -17.13 4.92 12.39
C MET A 259 -17.44 6.23 13.13
N ALA A 260 -18.11 7.18 12.48
CA ALA A 260 -18.33 8.51 13.06
C ALA A 260 -17.03 9.08 13.61
N ALA A 261 -15.98 9.00 12.80
CA ALA A 261 -14.66 9.51 13.19
C ALA A 261 -14.58 11.02 12.98
N PRO A 262 -13.85 11.71 13.89
CA PRO A 262 -13.36 13.04 13.52
C PRO A 262 -12.57 12.88 12.24
N LEU A 263 -12.65 13.85 11.34
CA LEU A 263 -11.96 13.76 10.06
C LEU A 263 -10.86 14.82 10.02
N PHE A 264 -9.69 14.45 10.51
CA PHE A 264 -8.55 15.33 10.51
C PHE A 264 -7.57 14.87 9.44
N MET A 265 -7.59 15.56 8.31
CA MET A 265 -6.64 15.31 7.25
C MET A 265 -5.24 15.60 7.77
N SER A 266 -4.27 14.81 7.33
CA SER A 266 -2.87 15.14 7.50
C SER A 266 -2.13 14.88 6.19
N ASN A 267 -2.05 15.91 5.38
CA ASN A 267 -1.51 15.84 4.03
C ASN A 267 -0.93 17.20 3.65
N ASP A 268 -0.35 17.29 2.45
CA ASP A 268 0.14 18.57 1.97
C ASP A 268 -0.88 19.14 0.99
N LEU A 269 -1.65 20.14 1.42
CA LEU A 269 -2.73 20.71 0.59
C LEU A 269 -2.18 21.48 -0.61
N ARG A 270 -0.89 21.80 -0.58
CA ARG A 270 -0.22 22.43 -1.73
C ARG A 270 0.08 21.42 -2.82
N HIS A 271 0.17 20.14 -2.46
CA HIS A 271 0.53 19.06 -3.38
C HIS A 271 -0.35 17.83 -3.15
N ILE A 272 -1.57 17.88 -3.68
CA ILE A 272 -2.53 16.79 -3.51
C ILE A 272 -3.17 16.49 -4.87
N SER A 273 -3.32 15.20 -5.18
CA SER A 273 -3.89 14.78 -6.45
C SER A 273 -5.39 15.13 -6.56
N PRO A 274 -5.90 15.27 -7.79
CA PRO A 274 -7.32 15.54 -8.00
C PRO A 274 -8.22 14.44 -7.45
N GLN A 275 -7.80 13.18 -7.61
CA GLN A 275 -8.55 12.03 -7.08
C GLN A 275 -8.66 12.06 -5.57
N ALA A 276 -7.53 12.30 -4.90
CA ALA A 276 -7.49 12.35 -3.43
C ALA A 276 -8.33 13.51 -2.94
N LYS A 277 -8.23 14.65 -3.61
CA LYS A 277 -9.08 15.81 -3.30
C LYS A 277 -10.59 15.50 -3.45
N ALA A 278 -10.98 14.90 -4.57
CA ALA A 278 -12.40 14.60 -4.81
C ALA A 278 -12.94 13.62 -3.78
N LEU A 279 -12.12 12.65 -3.39
CA LEU A 279 -12.48 11.68 -2.36
C LEU A 279 -12.66 12.36 -1.01
N LEU A 280 -11.67 13.13 -0.59
CA LEU A 280 -11.74 13.85 0.69
C LEU A 280 -12.87 14.89 0.75
N GLN A 281 -13.24 15.45 -0.41
CA GLN A 281 -14.32 16.43 -0.48
C GLN A 281 -15.67 15.83 -0.88
N ASP A 282 -15.77 14.51 -0.87
CA ASP A 282 -16.96 13.83 -1.35
C ASP A 282 -18.14 14.13 -0.42
N LYS A 283 -19.05 14.96 -0.92
CA LYS A 283 -20.16 15.49 -0.13
C LYS A 283 -21.06 14.38 0.43
N ASP A 284 -21.30 13.33 -0.35
CA ASP A 284 -22.19 12.26 0.06
C ASP A 284 -21.60 11.42 1.19
N VAL A 285 -20.29 11.20 1.14
CA VAL A 285 -19.60 10.43 2.15
C VAL A 285 -19.44 11.26 3.43
N ILE A 286 -19.07 12.53 3.28
CA ILE A 286 -18.98 13.44 4.43
C ILE A 286 -20.34 13.55 5.13
N ALA A 287 -21.42 13.58 4.35
CA ALA A 287 -22.77 13.60 4.94
C ALA A 287 -23.07 12.37 5.81
N ILE A 288 -22.52 11.22 5.44
CA ILE A 288 -22.63 10.03 6.27
C ILE A 288 -21.87 10.24 7.58
N ASN A 289 -20.61 10.66 7.47
CA ASN A 289 -19.80 10.91 8.66
C ASN A 289 -20.47 11.88 9.62
N GLN A 290 -21.12 12.90 9.06
CA GLN A 290 -21.71 14.01 9.80
C GLN A 290 -23.19 13.80 10.10
N ASP A 291 -23.68 12.57 9.91
CA ASP A 291 -25.09 12.29 10.15
C ASP A 291 -25.50 12.75 11.55
N PRO A 292 -26.58 13.55 11.64
CA PRO A 292 -26.95 14.18 12.91
C PRO A 292 -27.31 13.21 14.05
N LEU A 293 -27.79 12.03 13.70
CA LEU A 293 -28.15 11.01 14.69
C LEU A 293 -26.93 10.61 15.51
N GLY A 294 -25.76 10.69 14.88
CA GLY A 294 -24.50 10.48 15.56
C GLY A 294 -24.33 9.11 16.19
N LYS A 295 -24.84 8.07 15.54
CA LYS A 295 -24.60 6.70 16.01
C LYS A 295 -23.45 6.06 15.23
N GLN A 296 -22.41 5.68 15.95
CA GLN A 296 -21.23 5.07 15.34
C GLN A 296 -21.61 3.73 14.71
N GLY A 297 -20.96 3.40 13.59
CA GLY A 297 -21.16 2.12 12.92
C GLY A 297 -20.36 1.00 13.56
N TYR A 298 -20.44 -0.19 12.97
CA TYR A 298 -19.85 -1.38 13.56
C TYR A 298 -19.70 -2.46 12.50
N GLN A 299 -18.85 -3.45 12.80
CA GLN A 299 -18.70 -4.60 11.92
C GLN A 299 -19.87 -5.54 12.15
N LEU A 300 -20.58 -5.84 11.06
CA LEU A 300 -21.71 -6.74 11.08
C LEU A 300 -21.26 -8.18 10.89
N ARG A 301 -20.30 -8.38 9.98
CA ARG A 301 -20.02 -9.68 9.42
C ARG A 301 -18.56 -9.78 9.00
N GLN A 302 -17.97 -10.95 9.17
CA GLN A 302 -16.60 -11.20 8.76
C GLN A 302 -16.50 -12.63 8.24
N GLY A 303 -15.89 -12.82 7.08
CA GLY A 303 -15.71 -14.16 6.53
C GLY A 303 -15.37 -14.17 5.05
N ASP A 304 -14.59 -15.17 4.64
CA ASP A 304 -14.13 -15.32 3.25
C ASP A 304 -13.33 -14.09 2.81
N ASN A 305 -12.49 -13.59 3.72
CA ASN A 305 -11.71 -12.35 3.54
C ASN A 305 -12.55 -11.14 3.10
N PHE A 306 -13.81 -11.12 3.49
CA PHE A 306 -14.68 -9.96 3.34
C PHE A 306 -15.09 -9.49 4.73
N GLU A 307 -15.43 -8.21 4.84
CA GLU A 307 -15.99 -7.64 6.07
C GLU A 307 -17.15 -6.76 5.68
N VAL A 308 -18.26 -6.85 6.41
CA VAL A 308 -19.36 -5.94 6.20
C VAL A 308 -19.55 -5.09 7.46
N TRP A 309 -19.60 -3.78 7.27
CA TRP A 309 -19.82 -2.84 8.35
C TRP A 309 -21.06 -2.05 7.99
N GLU A 310 -21.79 -1.58 8.99
CA GLU A 310 -22.94 -0.73 8.73
C GLU A 310 -23.10 0.36 9.78
N ARG A 311 -23.79 1.42 9.39
CA ARG A 311 -24.08 2.53 10.29
C ARG A 311 -25.52 3.00 10.12
N PRO A 312 -26.26 3.13 11.23
CA PRO A 312 -27.61 3.70 11.14
C PRO A 312 -27.58 5.21 10.97
N LEU A 313 -28.39 5.71 10.04
CA LEU A 313 -28.48 7.13 9.76
C LEU A 313 -29.87 7.66 10.10
N SER A 314 -30.00 8.97 10.06
CA SER A 314 -31.27 9.65 10.26
C SER A 314 -32.20 9.39 9.09
N GLY A 315 -33.51 9.42 9.36
CA GLY A 315 -34.52 9.22 8.34
C GLY A 315 -34.62 7.79 7.85
N LEU A 316 -34.39 6.84 8.77
CA LEU A 316 -34.46 5.41 8.48
C LEU A 316 -33.52 4.96 7.35
N ALA A 317 -32.41 5.68 7.17
CA ALA A 317 -31.40 5.31 6.18
C ALA A 317 -30.26 4.54 6.86
N TRP A 318 -29.49 3.80 6.05
CA TRP A 318 -28.29 3.10 6.53
C TRP A 318 -27.17 3.27 5.52
N ALA A 319 -25.94 3.27 6.02
CA ALA A 319 -24.76 3.19 5.17
C ALA A 319 -24.14 1.83 5.41
N VAL A 320 -23.71 1.18 4.33
CA VAL A 320 -23.10 -0.16 4.40
C VAL A 320 -21.79 -0.17 3.62
N ALA A 321 -20.75 -0.68 4.27
CA ALA A 321 -19.42 -0.79 3.69
C ALA A 321 -19.01 -2.25 3.68
N MET A 322 -18.56 -2.72 2.52
CA MET A 322 -18.12 -4.09 2.32
C MET A 322 -16.67 -4.00 1.87
N ILE A 323 -15.75 -4.56 2.66
CA ILE A 323 -14.31 -4.46 2.37
C ILE A 323 -13.82 -5.80 1.83
N ASN A 324 -12.97 -5.75 0.82
CA ASN A 324 -12.27 -6.95 0.37
C ASN A 324 -10.87 -6.98 0.98
N ARG A 325 -10.68 -7.89 1.92
CA ARG A 325 -9.43 -8.01 2.67
C ARG A 325 -8.43 -8.99 2.06
N GLN A 326 -8.78 -9.63 0.94
CA GLN A 326 -7.86 -10.53 0.25
C GLN A 326 -6.87 -9.68 -0.56
N GLU A 327 -5.57 -9.87 -0.34
CA GLU A 327 -4.54 -9.01 -0.95
C GLU A 327 -3.84 -9.70 -2.13
N ILE A 328 -4.64 -10.45 -2.88
CA ILE A 328 -4.17 -11.16 -4.06
C ILE A 328 -5.36 -11.33 -4.99
N GLY A 329 -5.10 -11.44 -6.29
CA GLY A 329 -6.18 -11.66 -7.27
C GLY A 329 -6.80 -10.38 -7.79
N GLY A 330 -8.02 -10.50 -8.30
CA GLY A 330 -8.75 -9.38 -8.88
C GLY A 330 -10.01 -9.05 -8.10
N PRO A 331 -10.84 -8.17 -8.66
CA PRO A 331 -12.09 -7.81 -8.02
C PRO A 331 -12.88 -9.05 -7.70
N ARG A 332 -13.48 -9.12 -6.53
CA ARG A 332 -14.11 -10.35 -6.08
C ARG A 332 -15.60 -10.11 -5.88
N SER A 333 -16.40 -11.08 -6.32
CA SER A 333 -17.85 -10.98 -6.24
C SER A 333 -18.31 -11.23 -4.82
N TYR A 334 -19.09 -10.30 -4.28
CA TYR A 334 -19.69 -10.49 -2.97
C TYR A 334 -21.19 -10.30 -3.10
N THR A 335 -21.93 -11.28 -2.59
CA THR A 335 -23.38 -11.24 -2.60
C THR A 335 -23.87 -11.21 -1.16
N ILE A 336 -24.81 -10.31 -0.89
CA ILE A 336 -25.37 -10.17 0.45
C ILE A 336 -26.89 -10.08 0.37
N ALA A 337 -27.57 -10.85 1.22
CA ALA A 337 -29.00 -10.72 1.37
C ALA A 337 -29.24 -9.39 2.07
N VAL A 338 -30.00 -8.50 1.43
CA VAL A 338 -30.28 -7.20 2.02
C VAL A 338 -31.09 -7.32 3.32
N ALA A 339 -31.70 -8.49 3.55
CA ALA A 339 -32.41 -8.77 4.80
C ALA A 339 -31.47 -8.86 6.02
N SER A 340 -30.20 -9.15 5.77
CA SER A 340 -29.16 -9.10 6.81
C SER A 340 -28.81 -7.68 7.26
N LEU A 341 -29.19 -6.68 6.45
CA LEU A 341 -28.74 -5.31 6.68
C LEU A 341 -29.69 -4.53 7.58
N GLY A 342 -29.12 -3.60 8.34
CA GLY A 342 -29.88 -2.77 9.27
C GLY A 342 -30.79 -3.53 10.20
N LYS A 343 -30.30 -4.63 10.77
CA LYS A 343 -31.08 -5.42 11.73
C LYS A 343 -32.40 -5.94 11.13
N GLY A 344 -32.44 -6.07 9.81
CA GLY A 344 -33.63 -6.51 9.10
C GLY A 344 -34.67 -5.45 8.77
N VAL A 345 -34.50 -4.22 9.25
CA VAL A 345 -35.49 -3.15 8.98
C VAL A 345 -35.07 -2.21 7.85
N ALA A 346 -33.81 -2.27 7.45
CA ALA A 346 -33.29 -1.36 6.41
C ALA A 346 -34.07 -1.46 5.10
N CYS A 347 -34.43 -2.68 4.69
CA CYS A 347 -35.15 -2.90 3.44
C CYS A 347 -36.46 -3.65 3.66
N ASN A 348 -37.18 -3.22 4.69
CA ASN A 348 -38.50 -3.76 4.99
C ASN A 348 -39.54 -2.66 4.80
N PRO A 349 -40.49 -2.84 3.85
CA PRO A 349 -40.62 -3.95 2.89
C PRO A 349 -39.65 -3.82 1.71
N ALA A 350 -39.11 -2.63 1.50
CA ALA A 350 -38.15 -2.41 0.42
C ALA A 350 -37.21 -1.26 0.75
N CYS A 351 -36.19 -1.08 -0.08
CA CYS A 351 -35.27 0.04 0.06
C CYS A 351 -34.71 0.44 -1.31
N PHE A 352 -34.38 1.71 -1.45
CA PHE A 352 -33.65 2.18 -2.62
C PHE A 352 -32.19 2.24 -2.25
N ILE A 353 -31.34 1.65 -3.08
CA ILE A 353 -29.92 1.56 -2.78
C ILE A 353 -29.12 2.37 -3.77
N THR A 354 -28.21 3.20 -3.23
CA THR A 354 -27.32 4.02 -4.03
C THR A 354 -25.90 3.71 -3.63
N GLN A 355 -25.07 3.37 -4.60
CA GLN A 355 -23.65 3.18 -4.38
C GLN A 355 -22.99 4.54 -4.37
N LEU A 356 -22.08 4.74 -3.41
CA LEU A 356 -21.37 6.00 -3.26
C LEU A 356 -19.90 5.90 -3.61
N LEU A 357 -19.27 4.81 -3.17
CA LEU A 357 -17.86 4.55 -3.47
C LEU A 357 -17.71 3.13 -4.02
N PRO A 358 -16.75 2.91 -4.94
CA PRO A 358 -15.79 3.89 -5.46
C PRO A 358 -16.36 4.86 -6.51
N VAL A 359 -17.54 4.55 -7.05
CA VAL A 359 -18.26 5.49 -7.91
C VAL A 359 -19.70 5.66 -7.43
N LYS A 360 -20.30 6.81 -7.75
CA LYS A 360 -21.68 7.06 -7.40
C LYS A 360 -22.60 6.53 -8.51
N ARG A 361 -23.59 5.74 -8.11
CA ARG A 361 -24.47 5.06 -9.05
C ARG A 361 -25.73 4.60 -8.33
N LYS A 362 -26.90 5.02 -8.81
CA LYS A 362 -28.17 4.50 -8.32
C LYS A 362 -28.27 3.04 -8.73
N LEU A 363 -28.58 2.15 -7.78
CA LEU A 363 -28.72 0.73 -8.07
C LEU A 363 -30.19 0.29 -8.17
N GLY A 364 -31.11 1.05 -7.60
CA GLY A 364 -32.55 0.79 -7.73
C GLY A 364 -33.22 0.28 -6.47
N PHE A 365 -34.48 -0.14 -6.61
CA PHE A 365 -35.27 -0.64 -5.48
C PHE A 365 -35.01 -2.12 -5.21
N TYR A 366 -34.78 -2.44 -3.94
CA TYR A 366 -34.59 -3.82 -3.51
C TYR A 366 -35.68 -4.20 -2.50
N GLU A 367 -36.25 -5.39 -2.66
CA GLU A 367 -37.26 -5.90 -1.72
C GLU A 367 -36.54 -6.66 -0.60
N TRP A 368 -37.28 -6.97 0.46
CA TRP A 368 -36.68 -7.57 1.65
C TRP A 368 -35.94 -8.88 1.38
N THR A 369 -36.45 -9.68 0.44
CA THR A 369 -35.88 -10.99 0.10
C THR A 369 -34.73 -10.92 -0.94
N SER A 370 -34.42 -9.73 -1.44
CA SER A 370 -33.43 -9.58 -2.52
C SER A 370 -31.97 -9.76 -2.09
N ARG A 371 -31.11 -9.94 -3.09
CA ARG A 371 -29.68 -10.07 -2.88
C ARG A 371 -28.95 -9.03 -3.72
N LEU A 372 -27.97 -8.37 -3.11
CA LEU A 372 -27.15 -7.39 -3.80
C LEU A 372 -25.82 -8.03 -4.14
N ARG A 373 -25.43 -7.95 -5.40
CA ARG A 373 -24.15 -8.46 -5.84
C ARG A 373 -23.21 -7.30 -6.18
N SER A 374 -22.09 -7.24 -5.48
CA SER A 374 -21.08 -6.21 -5.75
C SER A 374 -19.80 -6.86 -6.22
N HIS A 375 -18.96 -6.07 -6.88
CA HIS A 375 -17.57 -6.44 -7.17
C HIS A 375 -16.66 -5.50 -6.40
N ILE A 376 -15.77 -6.08 -5.59
CA ILE A 376 -14.92 -5.30 -4.69
C ILE A 376 -13.43 -5.58 -4.99
N ASN A 377 -12.69 -4.51 -5.29
CA ASN A 377 -11.26 -4.61 -5.52
C ASN A 377 -10.51 -5.04 -4.26
N PRO A 378 -9.45 -5.86 -4.40
CA PRO A 378 -8.57 -6.16 -3.27
C PRO A 378 -8.14 -4.91 -2.47
N THR A 379 -8.35 -4.96 -1.14
CA THR A 379 -8.10 -3.84 -0.21
C THR A 379 -9.01 -2.62 -0.43
N GLY A 380 -10.01 -2.78 -1.28
CA GLY A 380 -10.97 -1.73 -1.59
C GLY A 380 -12.24 -1.97 -0.81
N THR A 381 -13.17 -1.04 -0.94
CA THR A 381 -14.44 -1.05 -0.23
C THR A 381 -15.52 -0.58 -1.18
N VAL A 382 -16.72 -1.15 -1.06
CA VAL A 382 -17.88 -0.59 -1.70
C VAL A 382 -18.75 -0.01 -0.58
N LEU A 383 -19.18 1.24 -0.75
CA LEU A 383 -20.01 1.93 0.24
C LEU A 383 -21.36 2.21 -0.38
N LEU A 384 -22.40 1.74 0.28
CA LEU A 384 -23.79 1.91 -0.17
C LEU A 384 -24.57 2.72 0.85
N GLN A 385 -25.58 3.44 0.36
CA GLN A 385 -26.57 4.04 1.22
C GLN A 385 -27.91 3.38 0.92
N LEU A 386 -28.56 2.89 1.97
CA LEU A 386 -29.89 2.27 1.87
C LEU A 386 -30.92 3.25 2.41
N GLU A 387 -31.95 3.51 1.61
CA GLU A 387 -33.07 4.36 2.01
C GLU A 387 -34.30 3.46 2.14
N ASN A 388 -34.80 3.32 3.37
CA ASN A 388 -36.00 2.50 3.62
C ASN A 388 -37.24 3.12 2.97
N THR A 389 -38.03 2.29 2.30
CA THR A 389 -39.23 2.74 1.58
C THR A 389 -40.42 1.78 1.75
N MET A 390 -41.63 2.34 1.80
CA MET A 390 -42.85 1.57 2.03
C MET A 390 -43.50 1.09 0.72
N LEU B 1 21.22 -22.25 -17.17
CA LEU B 1 21.05 -23.38 -18.14
C LEU B 1 21.60 -22.97 -19.50
N ASP B 2 22.51 -23.76 -20.05
CA ASP B 2 23.20 -23.41 -21.29
C ASP B 2 22.43 -23.87 -22.53
N ASN B 3 21.19 -23.38 -22.67
CA ASN B 3 20.36 -23.69 -23.84
C ASN B 3 20.30 -22.53 -24.82
N GLY B 4 21.12 -21.50 -24.58
CA GLY B 4 21.16 -20.31 -25.42
C GLY B 4 19.99 -19.36 -25.21
N LEU B 5 19.12 -19.68 -24.25
CA LEU B 5 17.98 -18.84 -23.92
C LEU B 5 18.25 -18.02 -22.67
N ALA B 6 17.38 -17.06 -22.43
CA ALA B 6 17.46 -16.18 -21.26
C ALA B 6 18.84 -15.54 -21.05
N ARG B 7 19.46 -15.09 -22.14
CA ARG B 7 20.72 -14.37 -22.07
C ARG B 7 20.54 -12.99 -21.42
N THR B 8 19.30 -12.51 -21.41
CA THR B 8 18.89 -11.43 -20.55
C THR B 8 17.66 -11.95 -19.81
N PRO B 9 17.27 -11.33 -18.69
CA PRO B 9 16.12 -11.86 -17.97
C PRO B 9 14.87 -11.94 -18.84
N THR B 10 14.13 -13.04 -18.73
CA THR B 10 12.93 -13.26 -19.53
C THR B 10 11.86 -12.25 -19.14
N MET B 11 11.20 -11.70 -20.15
CA MET B 11 10.11 -10.75 -19.96
C MET B 11 8.83 -11.30 -20.56
N GLY B 12 7.73 -11.12 -19.85
CA GLY B 12 6.45 -11.53 -20.37
C GLY B 12 5.32 -11.22 -19.43
N TRP B 13 4.27 -12.03 -19.52
CA TRP B 13 3.06 -11.88 -18.73
C TRP B 13 2.63 -13.26 -18.23
N LEU B 14 2.21 -13.32 -16.97
CA LEU B 14 1.87 -14.58 -16.34
C LEU B 14 0.59 -14.36 -15.57
N HIS B 15 -0.35 -15.29 -15.65
CA HIS B 15 -1.71 -15.01 -15.17
C HIS B 15 -1.92 -15.12 -13.67
N TRP B 16 -0.99 -15.74 -12.94
CA TRP B 16 -1.27 -16.25 -11.61
C TRP B 16 -1.74 -15.22 -10.56
N GLU B 17 -0.94 -14.21 -10.30
CA GLU B 17 -1.27 -13.28 -9.20
C GLU B 17 -2.63 -12.63 -9.38
N ARG B 18 -2.89 -12.15 -10.61
CA ARG B 18 -4.11 -11.40 -10.89
C ARG B 18 -5.32 -12.30 -11.10
N PHE B 19 -5.14 -13.45 -11.75
CA PHE B 19 -6.29 -14.28 -12.14
C PHE B 19 -6.44 -15.58 -11.38
N MET B 20 -5.33 -16.09 -10.85
CA MET B 20 -5.34 -17.23 -9.94
C MET B 20 -6.02 -18.46 -10.55
N CYS B 21 -6.85 -19.16 -9.77
CA CYS B 21 -7.48 -20.40 -10.21
C CYS B 21 -9.00 -20.23 -10.36
N ASN B 22 -9.39 -19.20 -11.11
CA ASN B 22 -10.79 -18.90 -11.35
C ASN B 22 -11.34 -19.85 -12.42
N LEU B 23 -12.17 -20.80 -12.00
CA LEU B 23 -12.76 -21.80 -12.89
C LEU B 23 -14.23 -21.50 -13.16
N ASP B 24 -14.68 -20.32 -12.75
CA ASP B 24 -16.09 -19.97 -12.82
C ASP B 24 -16.38 -19.25 -14.13
N CYS B 25 -16.36 -20.00 -15.23
CA CYS B 25 -16.61 -19.38 -16.54
CA CYS B 25 -16.62 -19.45 -16.57
C CYS B 25 -18.08 -19.05 -16.78
N GLN B 26 -18.97 -19.68 -16.03
CA GLN B 26 -20.42 -19.36 -16.13
C GLN B 26 -20.70 -17.94 -15.65
N GLU B 27 -20.27 -17.63 -14.43
CA GLU B 27 -20.54 -16.33 -13.80
C GLU B 27 -19.53 -15.26 -14.23
N GLU B 28 -18.30 -15.67 -14.55
CA GLU B 28 -17.19 -14.74 -14.81
C GLU B 28 -16.40 -15.13 -16.06
N PRO B 29 -17.05 -15.08 -17.24
CA PRO B 29 -16.45 -15.56 -18.48
C PRO B 29 -15.17 -14.84 -18.91
N ASP B 30 -15.02 -13.57 -18.57
CA ASP B 30 -13.88 -12.77 -19.01
C ASP B 30 -12.66 -12.84 -18.07
N SER B 31 -12.83 -13.40 -16.87
CA SER B 31 -11.75 -13.49 -15.90
C SER B 31 -11.33 -14.92 -15.54
N CYS B 32 -12.11 -15.91 -15.98
CA CYS B 32 -11.80 -17.31 -15.69
C CYS B 32 -10.62 -17.79 -16.52
N ILE B 33 -9.93 -18.82 -16.03
CA ILE B 33 -8.77 -19.36 -16.72
C ILE B 33 -9.25 -20.14 -17.95
N SER B 34 -9.13 -19.51 -19.13
CA SER B 34 -9.63 -20.09 -20.38
C SER B 34 -8.86 -19.56 -21.57
N GLU B 35 -9.07 -20.18 -22.73
CA GLU B 35 -8.35 -19.81 -23.94
C GLU B 35 -8.65 -18.37 -24.33
N LYS B 36 -9.87 -17.90 -24.05
CA LYS B 36 -10.25 -16.52 -24.38
C LYS B 36 -9.41 -15.49 -23.65
N LEU B 37 -9.12 -15.75 -22.37
CA LEU B 37 -8.30 -14.85 -21.56
C LEU B 37 -6.93 -14.67 -22.22
N PHE B 38 -6.32 -15.79 -22.60
CA PHE B 38 -4.97 -15.76 -23.16
C PHE B 38 -4.94 -15.19 -24.56
N MET B 39 -5.97 -15.49 -25.35
CA MET B 39 -6.15 -14.87 -26.67
C MET B 39 -6.25 -13.35 -26.55
N GLU B 40 -7.05 -12.85 -25.61
CA GLU B 40 -7.18 -11.41 -25.41
C GLU B 40 -5.87 -10.76 -24.96
N MET B 41 -5.16 -11.38 -24.02
CA MET B 41 -3.90 -10.82 -23.51
C MET B 41 -2.85 -10.79 -24.61
N ALA B 42 -2.86 -11.82 -25.46
CA ALA B 42 -1.92 -11.91 -26.57
C ALA B 42 -2.16 -10.74 -27.52
N GLU B 43 -3.44 -10.49 -27.84
CA GLU B 43 -3.83 -9.34 -28.67
C GLU B 43 -3.34 -8.03 -28.07
N LEU B 44 -3.65 -7.82 -26.78
CA LEU B 44 -3.27 -6.58 -26.10
C LEU B 44 -1.77 -6.45 -25.96
N MET B 45 -1.08 -7.57 -25.77
CA MET B 45 0.38 -7.55 -25.63
C MET B 45 1.02 -6.95 -26.88
N VAL B 46 0.40 -7.17 -28.04
CA VAL B 46 0.88 -6.57 -29.28
C VAL B 46 0.40 -5.13 -29.42
N SER B 47 -0.91 -4.94 -29.37
CA SER B 47 -1.51 -3.64 -29.71
C SER B 47 -1.21 -2.52 -28.71
N GLU B 48 -1.02 -2.87 -27.43
CA GLU B 48 -0.78 -1.87 -26.37
C GLU B 48 0.70 -1.57 -26.13
N GLY B 49 1.58 -2.16 -26.94
CA GLY B 49 3.00 -1.81 -26.93
C GLY B 49 3.90 -2.69 -26.06
N TRP B 50 3.34 -3.74 -25.46
CA TRP B 50 4.11 -4.57 -24.54
C TRP B 50 5.18 -5.39 -25.25
N LYS B 51 4.82 -5.92 -26.41
CA LYS B 51 5.75 -6.70 -27.19
C LYS B 51 6.92 -5.82 -27.63
N ASP B 52 6.62 -4.60 -28.11
CA ASP B 52 7.66 -3.65 -28.53
C ASP B 52 8.58 -3.24 -27.37
N ALA B 53 8.06 -3.24 -26.14
CA ALA B 53 8.87 -2.92 -24.96
C ALA B 53 9.75 -4.11 -24.49
N GLY B 54 9.49 -5.30 -25.04
CA GLY B 54 10.28 -6.49 -24.74
C GLY B 54 9.51 -7.62 -24.08
N TYR B 55 8.26 -7.38 -23.69
CA TYR B 55 7.45 -8.42 -23.07
C TYR B 55 6.98 -9.43 -24.11
N GLU B 56 7.62 -10.60 -24.10
CA GLU B 56 7.54 -11.55 -25.22
C GLU B 56 6.79 -12.84 -24.91
N TYR B 57 6.82 -13.28 -23.66
CA TYR B 57 6.29 -14.58 -23.27
C TYR B 57 4.93 -14.45 -22.61
N LEU B 58 3.90 -14.98 -23.25
CA LEU B 58 2.56 -15.04 -22.68
C LEU B 58 2.44 -16.39 -21.99
N CYS B 59 2.32 -16.39 -20.68
CA CYS B 59 2.49 -17.59 -19.90
C CYS B 59 1.25 -18.01 -19.15
N ILE B 60 0.94 -19.30 -19.24
CA ILE B 60 -0.18 -19.90 -18.53
C ILE B 60 0.38 -20.48 -17.24
N ASP B 61 -0.28 -20.22 -16.12
CA ASP B 61 0.11 -20.80 -14.84
C ASP B 61 -0.84 -21.97 -14.50
N ASP B 62 -1.03 -22.27 -13.21
CA ASP B 62 -1.80 -23.43 -12.77
C ASP B 62 -3.25 -23.35 -13.23
N CYS B 63 -3.93 -24.50 -13.24
CA CYS B 63 -5.38 -24.61 -13.49
C CYS B 63 -5.81 -24.59 -14.97
N TRP B 64 -4.87 -24.80 -15.88
CA TRP B 64 -5.19 -24.95 -17.31
C TRP B 64 -5.62 -26.36 -17.68
N MET B 65 -5.30 -27.34 -16.82
CA MET B 65 -5.43 -28.76 -17.13
C MET B 65 -6.83 -29.31 -16.87
N ALA B 66 -7.18 -30.39 -17.57
CA ALA B 66 -8.34 -31.21 -17.24
C ALA B 66 -8.03 -31.96 -15.95
N PRO B 67 -9.08 -32.43 -15.25
CA PRO B 67 -8.89 -33.16 -13.99
C PRO B 67 -8.00 -34.40 -14.08
N GLN B 68 -7.92 -35.02 -15.25
CA GLN B 68 -7.19 -36.27 -15.41
C GLN B 68 -6.46 -36.34 -16.76
N ARG B 69 -5.48 -37.23 -16.82
CA ARG B 69 -4.75 -37.48 -18.05
C ARG B 69 -5.63 -38.23 -19.04
N ASP B 70 -5.27 -38.21 -20.31
CA ASP B 70 -6.00 -38.99 -21.31
C ASP B 70 -5.54 -40.44 -21.30
N SER B 71 -6.14 -41.26 -22.17
CA SER B 71 -5.87 -42.71 -22.18
C SER B 71 -4.44 -43.05 -22.57
N GLU B 72 -3.76 -42.11 -23.24
CA GLU B 72 -2.36 -42.27 -23.58
C GLU B 72 -1.42 -41.69 -22.50
N GLY B 73 -2.00 -41.25 -21.38
CA GLY B 73 -1.22 -40.71 -20.28
C GLY B 73 -0.73 -39.28 -20.47
N ARG B 74 -1.37 -38.53 -21.37
CA ARG B 74 -1.00 -37.15 -21.59
C ARG B 74 -1.79 -36.21 -20.71
N LEU B 75 -1.19 -35.06 -20.39
CA LEU B 75 -1.93 -33.93 -19.86
C LEU B 75 -2.89 -33.43 -20.94
N GLN B 76 -4.09 -33.03 -20.53
CA GLN B 76 -5.09 -32.47 -21.44
C GLN B 76 -5.41 -31.06 -20.97
N ALA B 77 -5.60 -30.15 -21.92
CA ALA B 77 -6.17 -28.86 -21.60
C ALA B 77 -7.62 -29.11 -21.21
N ASP B 78 -8.15 -28.31 -20.29
CA ASP B 78 -9.54 -28.50 -19.88
C ASP B 78 -10.46 -28.32 -21.10
N PRO B 79 -11.34 -29.30 -21.37
CA PRO B 79 -12.15 -29.28 -22.60
C PRO B 79 -13.20 -28.17 -22.68
N GLN B 80 -13.72 -27.70 -21.54
CA GLN B 80 -14.68 -26.58 -21.55
C GLN B 80 -14.00 -25.21 -21.64
N ARG B 81 -12.85 -25.07 -20.97
CA ARG B 81 -12.17 -23.78 -20.88
C ARG B 81 -11.14 -23.60 -22.00
N PHE B 82 -10.59 -24.72 -22.49
CA PHE B 82 -9.66 -24.71 -23.62
C PHE B 82 -10.11 -25.66 -24.74
N PRO B 83 -11.32 -25.45 -25.27
CA PRO B 83 -11.89 -26.35 -26.27
C PRO B 83 -11.07 -26.51 -27.54
N HIS B 84 -10.30 -25.50 -27.92
CA HIS B 84 -9.49 -25.57 -29.14
C HIS B 84 -8.09 -26.16 -28.90
N GLY B 85 -7.76 -26.43 -27.64
CA GLY B 85 -6.51 -27.11 -27.29
C GLY B 85 -5.33 -26.15 -27.25
N ILE B 86 -4.26 -26.58 -26.59
CA ILE B 86 -3.07 -25.75 -26.45
C ILE B 86 -2.32 -25.55 -27.77
N ARG B 87 -2.35 -26.53 -28.67
CA ARG B 87 -1.64 -26.40 -29.96
C ARG B 87 -2.16 -25.21 -30.75
N GLN B 88 -3.47 -25.06 -30.82
CA GLN B 88 -4.06 -23.92 -31.52
C GLN B 88 -3.76 -22.62 -30.80
N LEU B 89 -3.77 -22.63 -29.46
CA LEU B 89 -3.38 -21.43 -28.71
C LEU B 89 -1.93 -21.03 -29.02
N ALA B 90 -1.03 -22.01 -29.01
CA ALA B 90 0.39 -21.74 -29.32
C ALA B 90 0.55 -21.14 -30.70
N ASN B 91 -0.15 -21.71 -31.69
CA ASN B 91 -0.15 -21.20 -33.06
C ASN B 91 -0.68 -19.77 -33.14
N TYR B 92 -1.79 -19.52 -32.44
CA TYR B 92 -2.33 -18.16 -32.31
C TYR B 92 -1.30 -17.18 -31.73
N VAL B 93 -0.69 -17.58 -30.62
CA VAL B 93 0.29 -16.75 -29.94
C VAL B 93 1.52 -16.51 -30.83
N HIS B 94 1.97 -17.52 -31.56
CA HIS B 94 3.13 -17.39 -32.45
C HIS B 94 2.84 -16.51 -33.68
N SER B 95 1.58 -16.50 -34.12
CA SER B 95 1.19 -15.64 -35.25
C SER B 95 1.18 -14.16 -34.87
N LYS B 96 1.17 -13.88 -33.57
CA LYS B 96 1.28 -12.52 -33.06
C LYS B 96 2.73 -12.11 -32.79
N GLY B 97 3.68 -12.99 -33.09
CA GLY B 97 5.09 -12.74 -32.82
C GLY B 97 5.48 -13.00 -31.38
N LEU B 98 4.60 -13.63 -30.61
CA LEU B 98 4.82 -13.87 -29.18
C LEU B 98 5.23 -15.32 -28.93
N LYS B 99 5.60 -15.63 -27.69
CA LYS B 99 5.88 -17.00 -27.26
C LYS B 99 4.90 -17.46 -26.18
N LEU B 100 4.69 -18.76 -26.10
CA LEU B 100 3.74 -19.36 -25.16
C LEU B 100 4.47 -20.04 -24.03
N GLY B 101 4.08 -19.71 -22.79
CA GLY B 101 4.60 -20.37 -21.61
C GLY B 101 3.51 -21.23 -21.00
N ILE B 102 3.90 -22.32 -20.34
CA ILE B 102 2.95 -23.20 -19.69
C ILE B 102 3.48 -23.67 -18.34
N TYR B 103 2.60 -24.32 -17.59
CA TYR B 103 2.88 -24.69 -16.22
C TYR B 103 2.68 -26.19 -16.01
N ALA B 104 3.57 -26.77 -15.21
CA ALA B 104 3.42 -28.14 -14.71
C ALA B 104 4.10 -28.21 -13.34
N ASP B 105 4.03 -29.37 -12.72
CA ASP B 105 4.52 -29.55 -11.35
C ASP B 105 5.36 -30.81 -11.23
N VAL B 106 6.44 -30.71 -10.47
CA VAL B 106 7.41 -31.80 -10.38
C VAL B 106 6.83 -33.01 -9.64
N GLY B 107 5.86 -32.77 -8.76
CA GLY B 107 5.30 -33.82 -7.91
C GLY B 107 4.10 -34.54 -8.48
N ASN B 108 3.27 -35.08 -7.58
CA ASN B 108 2.15 -35.92 -7.96
C ASN B 108 0.97 -35.10 -8.47
N LYS B 109 0.84 -33.90 -7.92
CA LYS B 109 -0.23 -32.98 -8.29
C LYS B 109 0.31 -31.56 -8.40
N THR B 110 -0.40 -30.71 -9.11
CA THR B 110 -0.06 -29.28 -9.14
C THR B 110 -0.52 -28.73 -7.80
N CYS B 111 -0.10 -27.50 -7.49
CA CYS B 111 -0.46 -26.92 -6.21
CA CYS B 111 -0.45 -26.84 -6.25
C CYS B 111 -1.99 -26.75 -6.10
N ALA B 112 -2.66 -26.46 -7.21
CA ALA B 112 -4.12 -26.32 -7.21
C ALA B 112 -4.84 -27.68 -7.22
N GLY B 113 -4.09 -28.76 -7.39
CA GLY B 113 -4.62 -30.11 -7.25
C GLY B 113 -4.86 -30.87 -8.55
N PHE B 114 -4.35 -30.34 -9.67
CA PHE B 114 -4.50 -31.01 -10.98
C PHE B 114 -3.36 -32.01 -11.19
N PRO B 115 -3.37 -32.75 -12.32
CA PRO B 115 -2.36 -33.78 -12.51
C PRO B 115 -0.89 -33.30 -12.52
N GLY B 116 -0.06 -33.98 -11.74
CA GLY B 116 1.35 -33.65 -11.64
C GLY B 116 2.16 -34.51 -12.58
N SER B 117 3.40 -34.12 -12.80
CA SER B 117 4.25 -34.77 -13.79
C SER B 117 5.18 -35.86 -13.24
N PHE B 118 5.09 -36.17 -11.95
CA PHE B 118 5.97 -37.22 -11.40
C PHE B 118 5.68 -38.54 -12.10
N GLY B 119 6.71 -39.14 -12.68
CA GLY B 119 6.57 -40.38 -13.43
C GLY B 119 6.19 -40.16 -14.89
N TYR B 120 6.07 -38.90 -15.31
CA TYR B 120 5.65 -38.54 -16.67
C TYR B 120 6.54 -37.48 -17.33
N TYR B 121 7.75 -37.31 -16.84
CA TYR B 121 8.55 -36.16 -17.25
C TYR B 121 8.78 -36.16 -18.75
N ASP B 122 9.12 -37.32 -19.31
CA ASP B 122 9.42 -37.40 -20.74
C ASP B 122 8.16 -37.22 -21.58
N ILE B 123 7.08 -37.86 -21.15
CA ILE B 123 5.79 -37.72 -21.81
C ILE B 123 5.35 -36.25 -21.85
N ASP B 124 5.45 -35.58 -20.71
CA ASP B 124 5.03 -34.19 -20.62
C ASP B 124 5.95 -33.24 -21.40
N ALA B 125 7.26 -33.43 -21.30
CA ALA B 125 8.20 -32.63 -22.08
C ALA B 125 7.88 -32.70 -23.56
N GLN B 126 7.64 -33.92 -24.04
CA GLN B 126 7.39 -34.16 -25.45
C GLN B 126 6.01 -33.62 -25.85
N THR B 127 5.02 -33.74 -24.98
CA THR B 127 3.72 -33.14 -25.23
C THR B 127 3.84 -31.62 -25.43
N PHE B 128 4.55 -30.94 -24.53
CA PHE B 128 4.74 -29.49 -24.61
C PHE B 128 5.50 -29.09 -25.88
N ALA B 129 6.58 -29.77 -26.19
CA ALA B 129 7.34 -29.49 -27.43
C ALA B 129 6.49 -29.70 -28.69
N ASP B 130 5.68 -30.76 -28.70
CA ASP B 130 4.79 -31.03 -29.82
C ASP B 130 3.80 -29.87 -30.01
N TRP B 131 3.24 -29.37 -28.91
CA TRP B 131 2.30 -28.26 -28.93
C TRP B 131 2.88 -26.92 -29.39
N GLY B 132 4.20 -26.78 -29.30
CA GLY B 132 4.87 -25.52 -29.65
C GLY B 132 5.13 -24.61 -28.45
N VAL B 133 5.12 -25.19 -27.25
CA VAL B 133 5.38 -24.45 -26.01
C VAL B 133 6.83 -23.93 -26.01
N ASP B 134 7.01 -22.71 -25.49
CA ASP B 134 8.30 -22.02 -25.53
C ASP B 134 8.93 -21.78 -24.16
N LEU B 135 8.14 -22.01 -23.09
CA LEU B 135 8.62 -21.86 -21.74
C LEU B 135 7.80 -22.76 -20.81
N LEU B 136 8.47 -23.42 -19.86
CA LEU B 136 7.79 -24.20 -18.84
C LEU B 136 8.11 -23.61 -17.49
N LYS B 137 7.07 -23.38 -16.69
CA LYS B 137 7.22 -23.04 -15.29
C LYS B 137 6.91 -24.31 -14.53
N PHE B 138 7.86 -24.76 -13.72
CA PHE B 138 7.77 -26.07 -13.08
C PHE B 138 7.71 -25.91 -11.57
N ASP B 139 6.53 -26.19 -11.02
CA ASP B 139 6.24 -25.94 -9.62
C ASP B 139 6.69 -27.15 -8.79
N GLY B 140 6.76 -26.99 -7.47
CA GLY B 140 7.35 -27.99 -6.59
C GLY B 140 6.42 -28.67 -5.59
N CYS B 141 5.11 -28.51 -5.74
CA CYS B 141 4.15 -29.07 -4.77
C CYS B 141 4.03 -30.59 -4.84
N TYR B 142 3.46 -31.16 -3.78
CA TYR B 142 3.15 -32.59 -3.69
C TYR B 142 4.31 -33.50 -4.07
N CYS B 143 5.50 -33.16 -3.56
CA CYS B 143 6.69 -33.97 -3.68
C CYS B 143 7.14 -34.34 -2.28
N ASP B 144 7.10 -35.63 -1.96
CA ASP B 144 7.33 -36.12 -0.58
C ASP B 144 8.79 -36.11 -0.15
N SER B 145 9.70 -36.02 -1.12
CA SER B 145 11.14 -36.20 -0.88
C SER B 145 11.98 -35.13 -1.57
N LEU B 146 12.97 -34.61 -0.85
CA LEU B 146 13.93 -33.66 -1.40
C LEU B 146 14.78 -34.28 -2.53
N GLU B 147 15.03 -35.59 -2.44
CA GLU B 147 15.70 -36.33 -3.51
C GLU B 147 14.84 -36.35 -4.77
N ASN B 148 13.58 -36.77 -4.62
CA ASN B 148 12.65 -36.76 -5.74
C ASN B 148 12.47 -35.36 -6.34
N LEU B 149 12.46 -34.32 -5.49
CA LEU B 149 12.31 -32.95 -5.94
C LEU B 149 13.48 -32.57 -6.84
N ALA B 150 14.69 -32.73 -6.32
CA ALA B 150 15.90 -32.43 -7.08
C ALA B 150 15.98 -33.26 -8.35
N ASP B 151 15.68 -34.56 -8.23
CA ASP B 151 15.76 -35.49 -9.37
C ASP B 151 14.74 -35.12 -10.44
N GLY B 152 13.53 -34.74 -10.01
CA GLY B 152 12.47 -34.36 -10.93
C GLY B 152 12.81 -33.11 -11.73
N TYR B 153 13.35 -32.10 -11.06
CA TYR B 153 13.76 -30.86 -11.73
C TYR B 153 14.88 -31.12 -12.73
N LYS B 154 15.84 -31.98 -12.35
CA LYS B 154 16.93 -32.34 -13.25
C LYS B 154 16.40 -33.17 -14.42
N HIS B 155 15.54 -34.15 -14.14
CA HIS B 155 14.98 -35.01 -15.19
C HIS B 155 14.18 -34.21 -16.23
N MET B 156 13.37 -33.27 -15.78
CA MET B 156 12.57 -32.47 -16.71
C MET B 156 13.47 -31.59 -17.57
N SER B 157 14.53 -31.04 -16.98
CA SER B 157 15.47 -30.23 -17.73
C SER B 157 16.07 -31.02 -18.90
N LEU B 158 16.49 -32.25 -18.60
CA LEU B 158 17.04 -33.15 -19.61
C LEU B 158 15.97 -33.58 -20.62
N ALA B 159 14.77 -33.88 -20.12
CA ALA B 159 13.65 -34.25 -20.98
C ALA B 159 13.28 -33.15 -21.98
N LEU B 160 13.28 -31.90 -21.53
CA LEU B 160 12.99 -30.79 -22.43
C LEU B 160 14.11 -30.66 -23.45
N ASN B 161 15.36 -30.79 -23.00
CA ASN B 161 16.49 -30.71 -23.90
C ASN B 161 16.38 -31.75 -25.02
N ARG B 162 16.05 -32.99 -24.66
CA ARG B 162 15.93 -34.09 -25.61
C ARG B 162 14.86 -33.89 -26.70
N THR B 163 13.86 -33.05 -26.44
CA THR B 163 12.83 -32.77 -27.44
C THR B 163 13.41 -32.07 -28.66
N GLY B 164 14.55 -31.40 -28.50
CA GLY B 164 15.17 -30.64 -29.58
C GLY B 164 14.61 -29.23 -29.73
N ARG B 165 13.52 -28.94 -29.00
CA ARG B 165 12.92 -27.60 -29.01
C ARG B 165 13.48 -26.73 -27.89
N SER B 166 13.71 -25.46 -28.23
CA SER B 166 14.23 -24.50 -27.26
C SER B 166 13.10 -24.06 -26.35
N ILE B 167 13.23 -24.38 -25.07
CA ILE B 167 12.20 -24.11 -24.09
C ILE B 167 12.84 -23.51 -22.84
N VAL B 168 12.47 -22.27 -22.51
CA VAL B 168 12.91 -21.62 -21.26
C VAL B 168 12.41 -22.46 -20.09
N TYR B 169 13.30 -22.79 -19.16
CA TYR B 169 12.95 -23.64 -18.03
C TYR B 169 13.01 -22.82 -16.76
N SER B 170 11.83 -22.57 -16.19
CA SER B 170 11.64 -21.78 -14.97
C SER B 170 11.30 -22.74 -13.84
N CYS B 171 12.10 -22.69 -12.77
N CYS B 171 12.07 -22.73 -12.76
CA CYS B 171 12.08 -23.66 -11.67
CA CYS B 171 11.87 -23.70 -11.70
C CYS B 171 11.62 -23.01 -10.36
C CYS B 171 11.64 -23.04 -10.36
N GLU B 172 11.09 -23.81 -9.43
CA GLU B 172 10.82 -23.33 -8.07
C GLU B 172 11.60 -24.18 -7.06
N TRP B 173 12.65 -24.82 -7.57
CA TRP B 173 13.48 -25.76 -6.84
C TRP B 173 14.06 -25.19 -5.53
N PRO B 174 14.76 -24.05 -5.58
CA PRO B 174 15.29 -23.53 -4.31
C PRO B 174 14.21 -23.18 -3.30
N LEU B 175 13.09 -22.61 -3.76
CA LEU B 175 11.97 -22.26 -2.89
C LEU B 175 11.45 -23.46 -2.09
N TYR B 176 11.27 -24.60 -2.75
CA TYR B 176 10.74 -25.78 -2.07
C TYR B 176 11.82 -26.53 -1.27
N MET B 177 13.08 -26.21 -1.53
CA MET B 177 14.23 -26.74 -0.77
C MET B 177 14.58 -25.92 0.50
N TRP B 178 14.57 -24.58 0.37
CA TRP B 178 15.09 -23.65 1.41
C TRP B 178 14.74 -23.98 2.87
N PRO B 179 13.48 -24.35 3.16
CA PRO B 179 13.14 -24.68 4.55
C PRO B 179 13.95 -25.84 5.13
N PHE B 180 14.32 -26.80 4.28
CA PHE B 180 14.93 -28.04 4.73
C PHE B 180 16.45 -28.10 4.53
N GLN B 181 16.96 -27.47 3.46
CA GLN B 181 18.40 -27.43 3.23
C GLN B 181 18.83 -26.33 2.27
N LYS B 182 20.09 -25.93 2.37
CA LYS B 182 20.66 -24.88 1.54
C LYS B 182 20.72 -25.32 0.08
N PRO B 183 20.07 -24.54 -0.80
CA PRO B 183 20.11 -24.88 -2.21
C PRO B 183 21.51 -24.74 -2.78
N ASN B 184 21.87 -25.61 -3.70
CA ASN B 184 23.14 -25.50 -4.40
C ASN B 184 22.93 -24.78 -5.73
N TYR B 185 23.16 -23.48 -5.73
CA TYR B 185 22.88 -22.64 -6.91
C TYR B 185 23.78 -22.92 -8.11
N THR B 186 24.95 -23.49 -7.89
CA THR B 186 25.80 -23.91 -9.02
C THR B 186 25.12 -25.06 -9.78
N GLU B 187 24.56 -26.00 -9.04
CA GLU B 187 23.77 -27.09 -9.62
C GLU B 187 22.49 -26.56 -10.29
N ILE B 188 21.77 -25.68 -9.60
CA ILE B 188 20.49 -25.18 -10.10
C ILE B 188 20.69 -24.42 -11.42
N ARG B 189 21.72 -23.59 -11.46
CA ARG B 189 22.06 -22.83 -12.66
C ARG B 189 22.33 -23.71 -13.89
N GLN B 190 22.94 -24.89 -13.68
CA GLN B 190 23.19 -25.83 -14.78
C GLN B 190 21.91 -26.38 -15.38
N TYR B 191 20.85 -26.45 -14.57
CA TYR B 191 19.60 -27.09 -14.97
C TYR B 191 18.44 -26.14 -15.30
N CYS B 192 18.46 -24.92 -14.75
CA CYS B 192 17.34 -23.97 -14.91
C CYS B 192 17.74 -22.62 -15.50
N ASN B 193 16.83 -21.99 -16.23
CA ASN B 193 17.06 -20.65 -16.81
C ASN B 193 16.77 -19.54 -15.79
N HIS B 194 15.80 -19.78 -14.93
CA HIS B 194 15.60 -18.95 -13.75
C HIS B 194 14.88 -19.74 -12.67
N TRP B 195 14.97 -19.26 -11.44
CA TRP B 195 14.52 -20.02 -10.28
C TRP B 195 13.91 -19.14 -9.20
N ARG B 196 12.76 -19.59 -8.68
CA ARG B 196 12.11 -18.91 -7.57
C ARG B 196 12.83 -19.24 -6.27
N ASN B 197 13.18 -18.20 -5.50
CA ASN B 197 13.84 -18.36 -4.21
C ASN B 197 12.88 -18.24 -3.03
N PHE B 198 11.86 -17.39 -3.16
CA PHE B 198 11.06 -17.00 -2.00
C PHE B 198 9.56 -17.12 -2.23
N ALA B 199 8.81 -16.95 -1.14
CA ALA B 199 7.35 -17.16 -1.12
C ALA B 199 6.62 -16.30 -2.15
N ASP B 200 5.43 -16.75 -2.54
CA ASP B 200 4.62 -16.10 -3.58
C ASP B 200 4.40 -14.63 -3.29
N ILE B 201 4.62 -13.79 -4.30
CA ILE B 201 4.28 -12.39 -4.17
C ILE B 201 2.77 -12.27 -4.08
N ASP B 202 2.31 -11.23 -3.39
CA ASP B 202 0.92 -10.83 -3.56
C ASP B 202 0.85 -9.34 -3.79
N ASP B 203 -0.37 -8.82 -3.85
CA ASP B 203 -0.61 -7.45 -4.24
C ASP B 203 -0.53 -6.58 -3.00
N SER B 204 0.67 -6.48 -2.43
CA SER B 204 0.87 -5.76 -1.17
C SER B 204 2.30 -5.27 -1.03
N TRP B 205 2.44 -4.13 -0.37
CA TRP B 205 3.74 -3.52 -0.10
C TRP B 205 4.52 -4.41 0.87
N LYS B 206 3.80 -5.00 1.83
CA LYS B 206 4.39 -5.92 2.79
C LYS B 206 5.14 -7.04 2.09
N SER B 207 4.52 -7.56 1.04
CA SER B 207 5.09 -8.64 0.24
C SER B 207 6.33 -8.17 -0.55
N ILE B 208 6.28 -6.99 -1.15
CA ILE B 208 7.46 -6.45 -1.84
C ILE B 208 8.62 -6.31 -0.86
N LYS B 209 8.34 -5.70 0.29
CA LYS B 209 9.35 -5.49 1.34
C LYS B 209 10.00 -6.79 1.78
N SER B 210 9.20 -7.81 2.05
CA SER B 210 9.76 -9.07 2.55
C SER B 210 10.64 -9.76 1.49
N ILE B 211 10.30 -9.64 0.21
CA ILE B 211 11.14 -10.18 -0.86
C ILE B 211 12.47 -9.43 -0.98
N LEU B 212 12.42 -8.11 -0.90
CA LEU B 212 13.65 -7.32 -0.89
C LEU B 212 14.52 -7.65 0.32
N ASP B 213 13.89 -7.80 1.48
CA ASP B 213 14.61 -8.09 2.71
C ASP B 213 15.23 -9.48 2.72
N TRP B 214 14.51 -10.45 2.16
CA TRP B 214 15.04 -11.81 2.06
C TRP B 214 16.15 -11.91 1.01
N THR B 215 15.99 -11.17 -0.10
CA THR B 215 17.02 -11.09 -1.12
C THR B 215 18.30 -10.46 -0.56
N SER B 216 18.16 -9.33 0.14
CA SER B 216 19.33 -8.66 0.71
C SER B 216 19.97 -9.48 1.83
N PHE B 217 19.14 -10.11 2.66
CA PHE B 217 19.64 -11.03 3.71
C PHE B 217 20.45 -12.20 3.14
N ASN B 218 20.02 -12.73 1.99
CA ASN B 218 20.70 -13.87 1.40
C ASN B 218 21.60 -13.52 0.23
N GLN B 219 21.97 -12.24 0.09
CA GLN B 219 22.60 -11.78 -1.15
C GLN B 219 24.00 -12.36 -1.37
N GLU B 220 24.69 -12.64 -0.27
CA GLU B 220 25.99 -13.33 -0.33
C GLU B 220 25.86 -14.68 -1.05
N ARG B 221 24.73 -15.36 -0.85
CA ARG B 221 24.49 -16.68 -1.48
C ARG B 221 24.02 -16.62 -2.93
N ILE B 222 23.26 -15.60 -3.30
CA ILE B 222 22.53 -15.66 -4.58
C ILE B 222 22.95 -14.67 -5.67
N VAL B 223 23.55 -13.55 -5.29
CA VAL B 223 23.86 -12.49 -6.26
C VAL B 223 24.86 -12.95 -7.33
N ASP B 224 25.95 -13.59 -6.90
CA ASP B 224 27.03 -13.94 -7.82
C ASP B 224 26.73 -15.13 -8.74
N VAL B 225 25.71 -15.93 -8.43
CA VAL B 225 25.36 -17.05 -9.29
C VAL B 225 24.58 -16.59 -10.52
N ALA B 226 23.89 -15.45 -10.42
CA ALA B 226 23.05 -14.97 -11.51
C ALA B 226 23.88 -14.46 -12.67
N GLY B 227 23.38 -14.64 -13.87
CA GLY B 227 24.08 -14.23 -15.09
C GLY B 227 23.34 -14.72 -16.32
N PRO B 228 23.85 -14.37 -17.51
CA PRO B 228 23.21 -14.79 -18.75
C PRO B 228 22.87 -16.27 -18.74
N GLY B 229 21.61 -16.59 -18.96
CA GLY B 229 21.17 -17.98 -18.97
C GLY B 229 20.64 -18.51 -17.65
N GLY B 230 20.80 -17.75 -16.56
CA GLY B 230 20.40 -18.21 -15.23
C GLY B 230 20.16 -17.07 -14.24
N TRP B 231 18.91 -16.85 -13.86
CA TRP B 231 18.54 -15.68 -13.06
C TRP B 231 17.79 -16.06 -11.80
N ASN B 232 17.95 -15.24 -10.77
CA ASN B 232 17.11 -15.31 -9.59
C ASN B 232 15.75 -14.74 -9.92
N ASP B 233 14.70 -15.41 -9.45
CA ASP B 233 13.32 -15.01 -9.72
C ASP B 233 12.64 -14.59 -8.40
N PRO B 234 12.45 -13.28 -8.20
CA PRO B 234 11.76 -12.75 -7.01
C PRO B 234 10.24 -12.67 -7.19
N ASP B 235 9.75 -13.27 -8.27
CA ASP B 235 8.34 -13.44 -8.55
C ASP B 235 7.80 -12.24 -9.35
N MET B 236 6.49 -12.25 -9.61
CA MET B 236 5.86 -11.39 -10.61
C MET B 236 5.85 -9.90 -10.27
N LEU B 237 5.87 -9.06 -11.29
CA LEU B 237 5.54 -7.66 -11.12
C LEU B 237 4.05 -7.54 -10.86
N VAL B 238 3.67 -6.83 -9.81
CA VAL B 238 2.25 -6.63 -9.49
C VAL B 238 1.81 -5.18 -9.73
N ILE B 239 2.63 -4.44 -10.47
CA ILE B 239 2.30 -3.08 -10.88
C ILE B 239 1.07 -3.11 -11.79
N GLY B 240 0.16 -2.15 -11.60
CA GLY B 240 -1.10 -2.08 -12.37
C GLY B 240 -2.29 -2.72 -11.69
N ASN B 241 -2.09 -3.30 -10.51
CA ASN B 241 -3.18 -3.96 -9.80
C ASN B 241 -3.78 -3.01 -8.75
N PHE B 242 -3.89 -3.42 -7.49
CA PHE B 242 -4.76 -2.71 -6.53
C PHE B 242 -4.15 -2.34 -5.19
N GLY B 243 -3.07 -3.01 -4.80
CA GLY B 243 -2.58 -2.91 -3.43
C GLY B 243 -1.39 -2.00 -3.22
N LEU B 244 -0.79 -1.52 -4.31
CA LEU B 244 0.41 -0.71 -4.26
C LEU B 244 0.11 0.75 -4.59
N SER B 245 0.58 1.65 -3.74
CA SER B 245 0.57 3.07 -4.08
C SER B 245 1.55 3.31 -5.23
N TRP B 246 1.42 4.48 -5.85
CA TRP B 246 2.29 4.88 -6.94
C TRP B 246 3.78 4.76 -6.59
N ASN B 247 4.16 5.21 -5.40
CA ASN B 247 5.55 5.12 -4.97
C ASN B 247 6.03 3.68 -4.77
N GLN B 248 5.14 2.84 -4.26
CA GLN B 248 5.44 1.43 -4.05
C GLN B 248 5.61 0.70 -5.39
N GLN B 249 4.86 1.15 -6.40
CA GLN B 249 4.98 0.60 -7.73
C GLN B 249 6.32 1.01 -8.37
N VAL B 250 6.73 2.24 -8.18
CA VAL B 250 8.03 2.71 -8.66
C VAL B 250 9.15 1.90 -7.99
N THR B 251 8.97 1.57 -6.71
CA THR B 251 9.96 0.80 -5.97
C THR B 251 10.12 -0.60 -6.55
N GLN B 252 9.01 -1.26 -6.90
CA GLN B 252 9.11 -2.60 -7.46
C GLN B 252 9.81 -2.59 -8.81
N MET B 253 9.45 -1.64 -9.67
CA MET B 253 10.05 -1.58 -10.98
C MET B 253 11.55 -1.33 -10.87
N ALA B 254 11.93 -0.42 -9.99
CA ALA B 254 13.33 -0.04 -9.85
C ALA B 254 14.16 -1.19 -9.33
N LEU B 255 13.67 -1.87 -8.30
CA LEU B 255 14.45 -2.93 -7.66
C LEU B 255 14.49 -4.21 -8.48
N TRP B 256 13.41 -4.53 -9.19
CA TRP B 256 13.45 -5.70 -10.08
C TRP B 256 14.49 -5.47 -11.21
N ALA B 257 14.74 -4.20 -11.58
CA ALA B 257 15.80 -3.86 -12.54
C ALA B 257 17.19 -4.02 -11.92
N ILE B 258 17.35 -3.54 -10.69
CA ILE B 258 18.60 -3.70 -9.93
C ILE B 258 18.94 -5.19 -9.75
N MET B 259 17.92 -5.99 -9.47
CA MET B 259 18.10 -7.42 -9.23
C MET B 259 18.22 -8.30 -10.48
N ALA B 260 18.16 -7.72 -11.67
CA ALA B 260 18.24 -8.51 -12.90
C ALA B 260 17.19 -9.62 -12.85
N ALA B 261 15.97 -9.24 -12.49
CA ALA B 261 14.88 -10.20 -12.33
C ALA B 261 14.15 -10.45 -13.65
N PRO B 262 13.69 -11.68 -13.86
CA PRO B 262 12.74 -11.84 -14.94
C PRO B 262 11.62 -10.88 -14.65
N LEU B 263 11.05 -10.29 -15.70
CA LEU B 263 9.97 -9.33 -15.54
C LEU B 263 8.68 -9.93 -16.08
N PHE B 264 7.98 -10.65 -15.21
CA PHE B 264 6.70 -11.25 -15.57
C PHE B 264 5.57 -10.46 -14.93
N MET B 265 4.84 -9.71 -15.77
CA MET B 265 3.70 -8.96 -15.33
C MET B 265 2.55 -9.92 -15.02
N SER B 266 1.85 -9.67 -13.92
CA SER B 266 0.62 -10.36 -13.65
C SER B 266 -0.40 -9.29 -13.29
N ASN B 267 -1.16 -8.88 -14.31
CA ASN B 267 -2.12 -7.80 -14.23
C ASN B 267 -3.17 -7.99 -15.30
N ASP B 268 -4.19 -7.14 -15.33
CA ASP B 268 -5.19 -7.20 -16.38
C ASP B 268 -4.82 -6.15 -17.41
N LEU B 269 -4.29 -6.59 -18.55
CA LEU B 269 -3.85 -5.65 -19.60
C LEU B 269 -5.02 -4.89 -20.24
N ARG B 270 -6.24 -5.36 -20.02
CA ARG B 270 -7.45 -4.69 -20.51
C ARG B 270 -7.83 -3.51 -19.64
N HIS B 271 -7.31 -3.48 -18.41
CA HIS B 271 -7.68 -2.46 -17.44
C HIS B 271 -6.45 -2.03 -16.67
N ILE B 272 -5.62 -1.19 -17.29
CA ILE B 272 -4.39 -0.72 -16.68
C ILE B 272 -4.27 0.79 -16.83
N SER B 273 -3.89 1.46 -15.74
CA SER B 273 -3.78 2.91 -15.72
C SER B 273 -2.62 3.37 -16.62
N PRO B 274 -2.75 4.57 -17.21
CA PRO B 274 -1.66 5.14 -18.03
C PRO B 274 -0.33 5.20 -17.29
N GLN B 275 -0.38 5.50 -15.99
CA GLN B 275 0.82 5.63 -15.15
C GLN B 275 1.54 4.30 -14.99
N ALA B 276 0.80 3.27 -14.58
CA ALA B 276 1.35 1.93 -14.43
C ALA B 276 1.92 1.42 -15.74
N LYS B 277 1.21 1.69 -16.85
CA LYS B 277 1.67 1.29 -18.17
C LYS B 277 2.99 1.96 -18.54
N ALA B 278 3.07 3.29 -18.34
CA ALA B 278 4.29 4.04 -18.62
C ALA B 278 5.47 3.57 -17.76
N LEU B 279 5.19 3.23 -16.50
CA LEU B 279 6.22 2.69 -15.62
C LEU B 279 6.73 1.34 -16.14
N LEU B 280 5.81 0.42 -16.46
CA LEU B 280 6.16 -0.93 -16.93
C LEU B 280 6.81 -0.95 -18.32
N GLN B 281 6.55 0.08 -19.13
CA GLN B 281 7.12 0.16 -20.48
C GLN B 281 8.29 1.15 -20.53
N ASP B 282 8.76 1.58 -19.36
CA ASP B 282 9.81 2.59 -19.30
C ASP B 282 11.09 2.04 -19.92
N LYS B 283 11.43 2.55 -21.10
CA LYS B 283 12.51 2.02 -21.91
C LYS B 283 13.85 2.04 -21.19
N ASP B 284 14.11 3.11 -20.44
CA ASP B 284 15.38 3.31 -19.72
C ASP B 284 15.56 2.34 -18.55
N VAL B 285 14.47 2.04 -17.84
CA VAL B 285 14.52 1.16 -16.68
C VAL B 285 14.60 -0.29 -17.13
N ILE B 286 13.86 -0.60 -18.19
CA ILE B 286 13.95 -1.92 -18.84
C ILE B 286 15.37 -2.17 -19.37
N ALA B 287 16.02 -1.15 -19.92
CA ALA B 287 17.38 -1.31 -20.44
C ALA B 287 18.35 -1.71 -19.34
N ILE B 288 18.13 -1.19 -18.12
CA ILE B 288 18.93 -1.60 -16.96
C ILE B 288 18.71 -3.06 -16.64
N ASN B 289 17.44 -3.46 -16.51
CA ASN B 289 17.10 -4.86 -16.25
C ASN B 289 17.68 -5.80 -17.29
N GLN B 290 17.62 -5.38 -18.56
CA GLN B 290 18.09 -6.18 -19.70
C GLN B 290 19.56 -5.93 -20.07
N ASP B 291 20.30 -5.23 -19.22
CA ASP B 291 21.69 -4.91 -19.53
C ASP B 291 22.46 -6.20 -19.89
N PRO B 292 23.16 -6.20 -21.05
CA PRO B 292 23.76 -7.43 -21.55
C PRO B 292 24.81 -8.07 -20.64
N LEU B 293 25.43 -7.28 -19.77
CA LEU B 293 26.44 -7.77 -18.83
C LEU B 293 25.84 -8.82 -17.90
N GLY B 294 24.60 -8.61 -17.48
CA GLY B 294 23.89 -9.58 -16.66
C GLY B 294 24.43 -9.79 -15.26
N LYS B 295 25.03 -8.77 -14.65
CA LYS B 295 25.47 -8.87 -13.26
C LYS B 295 24.37 -8.35 -12.33
N GLN B 296 23.88 -9.22 -11.45
CA GLN B 296 22.79 -8.83 -10.52
C GLN B 296 23.29 -7.81 -9.50
N GLY B 297 22.43 -6.86 -9.18
CA GLY B 297 22.72 -5.85 -8.18
C GLY B 297 22.56 -6.35 -6.75
N TYR B 298 22.80 -5.45 -5.81
CA TYR B 298 22.87 -5.83 -4.40
C TYR B 298 22.64 -4.63 -3.51
N GLN B 299 22.34 -4.89 -2.24
CA GLN B 299 22.20 -3.84 -1.25
C GLN B 299 23.58 -3.46 -0.75
N LEU B 300 23.91 -2.18 -0.84
CA LEU B 300 25.21 -1.65 -0.45
C LEU B 300 25.17 -1.17 0.99
N ARG B 301 24.14 -0.39 1.31
CA ARG B 301 24.02 0.28 2.60
C ARG B 301 22.61 0.21 3.13
N GLN B 302 22.51 0.21 4.45
CA GLN B 302 21.24 0.18 5.16
C GLN B 302 21.40 1.00 6.45
N GLY B 303 20.44 1.88 6.72
CA GLY B 303 20.45 2.69 7.94
C GLY B 303 19.58 3.92 7.84
N ASP B 304 19.04 4.38 8.98
CA ASP B 304 18.21 5.58 9.03
C ASP B 304 16.95 5.41 8.18
N ASN B 305 16.37 4.20 8.21
CA ASN B 305 15.25 3.82 7.35
C ASN B 305 15.47 4.08 5.85
N PHE B 306 16.72 4.05 5.43
CA PHE B 306 17.09 4.17 4.03
C PHE B 306 17.82 2.90 3.59
N GLU B 307 17.64 2.52 2.33
CA GLU B 307 18.43 1.46 1.71
C GLU B 307 19.06 1.99 0.44
N VAL B 308 20.33 1.65 0.22
CA VAL B 308 20.98 1.93 -1.05
C VAL B 308 21.34 0.61 -1.71
N TRP B 309 20.88 0.42 -2.94
CA TRP B 309 21.23 -0.73 -3.77
C TRP B 309 21.98 -0.24 -5.00
N GLU B 310 22.84 -1.09 -5.56
CA GLU B 310 23.52 -0.76 -6.81
C GLU B 310 23.74 -1.97 -7.69
N ARG B 311 23.81 -1.72 -8.99
CA ARG B 311 24.05 -2.76 -9.98
C ARG B 311 25.09 -2.31 -11.00
N PRO B 312 26.13 -3.14 -11.23
CA PRO B 312 27.06 -2.83 -12.31
C PRO B 312 26.45 -3.12 -13.69
N LEU B 313 26.69 -2.20 -14.62
CA LEU B 313 26.16 -2.31 -15.97
C LEU B 313 27.31 -2.30 -16.98
N SER B 314 27.00 -2.70 -18.20
CA SER B 314 27.95 -2.61 -19.31
C SER B 314 28.27 -1.16 -19.65
N GLY B 315 29.34 -0.96 -20.40
CA GLY B 315 29.77 0.38 -20.75
C GLY B 315 30.23 1.21 -19.56
N LEU B 316 30.74 0.54 -18.53
CA LEU B 316 31.24 1.19 -17.31
C LEU B 316 30.18 2.01 -16.53
N ALA B 317 28.91 1.69 -16.73
CA ALA B 317 27.84 2.41 -16.04
C ALA B 317 27.39 1.67 -14.80
N TRP B 318 26.63 2.37 -13.95
CA TRP B 318 26.06 1.75 -12.76
C TRP B 318 24.64 2.28 -12.55
N ALA B 319 23.78 1.43 -12.01
CA ALA B 319 22.45 1.85 -11.57
C ALA B 319 22.49 1.92 -10.05
N VAL B 320 21.93 2.99 -9.49
CA VAL B 320 21.84 3.14 -8.04
C VAL B 320 20.39 3.35 -7.64
N ALA B 321 19.94 2.61 -6.63
CA ALA B 321 18.58 2.75 -6.13
C ALA B 321 18.61 3.08 -4.64
N MET B 322 17.93 4.15 -4.26
CA MET B 322 17.82 4.56 -2.86
C MET B 322 16.35 4.50 -2.45
N ILE B 323 16.05 3.63 -1.49
CA ILE B 323 14.67 3.41 -1.01
C ILE B 323 14.44 4.11 0.33
N ASN B 324 13.31 4.79 0.47
CA ASN B 324 12.91 5.35 1.75
C ASN B 324 11.93 4.40 2.42
N ARG B 325 12.40 3.71 3.45
CA ARG B 325 11.61 2.72 4.18
C ARG B 325 10.81 3.28 5.36
N GLN B 326 10.91 4.58 5.63
CA GLN B 326 10.10 5.21 6.67
C GLN B 326 8.70 5.46 6.12
N GLU B 327 7.69 4.90 6.77
CA GLU B 327 6.30 4.90 6.27
C GLU B 327 5.41 5.94 7.00
N ILE B 328 6.01 7.09 7.23
CA ILE B 328 5.35 8.19 7.91
C ILE B 328 6.05 9.45 7.46
N GLY B 329 5.39 10.60 7.56
CA GLY B 329 6.03 11.85 7.18
C GLY B 329 6.04 12.07 5.68
N GLY B 330 7.01 12.86 5.22
CA GLY B 330 7.10 13.26 3.83
C GLY B 330 8.42 12.90 3.21
N PRO B 331 8.71 13.46 2.04
CA PRO B 331 10.00 13.23 1.38
C PRO B 331 11.17 13.48 2.32
N ARG B 332 12.13 12.57 2.36
CA ARG B 332 13.32 12.75 3.19
C ARG B 332 14.56 12.82 2.29
N SER B 333 15.48 13.71 2.63
CA SER B 333 16.71 13.86 1.88
C SER B 333 17.71 12.78 2.30
N TYR B 334 18.40 12.25 1.31
CA TYR B 334 19.48 11.30 1.55
C TYR B 334 20.72 11.84 0.84
N THR B 335 21.84 11.86 1.54
CA THR B 335 23.09 12.33 0.97
C THR B 335 24.15 11.24 1.06
N ILE B 336 24.79 10.96 -0.07
CA ILE B 336 25.86 9.97 -0.11
C ILE B 336 27.03 10.47 -0.94
N ALA B 337 28.23 10.11 -0.52
CA ALA B 337 29.43 10.42 -1.27
C ALA B 337 29.50 9.50 -2.47
N VAL B 338 29.68 10.07 -3.66
CA VAL B 338 29.76 9.27 -4.88
C VAL B 338 30.97 8.34 -4.89
N ALA B 339 31.95 8.60 -4.03
CA ALA B 339 33.12 7.72 -3.90
C ALA B 339 32.79 6.38 -3.22
N SER B 340 31.65 6.32 -2.51
CA SER B 340 31.16 5.08 -1.90
C SER B 340 30.40 4.19 -2.89
N LEU B 341 30.01 4.78 -4.03
CA LEU B 341 29.25 4.10 -5.07
C LEU B 341 30.15 3.33 -6.04
N GLY B 342 29.59 2.28 -6.61
CA GLY B 342 30.29 1.49 -7.63
C GLY B 342 31.69 1.04 -7.27
N LYS B 343 31.87 0.64 -6.01
CA LYS B 343 33.15 0.18 -5.48
C LYS B 343 34.29 1.18 -5.71
N GLY B 344 33.96 2.46 -5.70
CA GLY B 344 34.95 3.53 -5.86
C GLY B 344 35.35 3.86 -7.28
N VAL B 345 34.83 3.13 -8.26
CA VAL B 345 35.22 3.33 -9.66
C VAL B 345 34.13 3.96 -10.52
N ALA B 346 32.91 4.07 -9.99
CA ALA B 346 31.78 4.61 -10.75
C ALA B 346 31.99 6.06 -11.17
N CYS B 347 32.56 6.87 -10.27
CA CYS B 347 32.78 8.30 -10.54
C CYS B 347 34.23 8.69 -10.24
N ASN B 348 35.16 7.87 -10.71
CA ASN B 348 36.59 8.15 -10.62
C ASN B 348 37.15 8.27 -12.02
N PRO B 349 37.64 9.46 -12.41
CA PRO B 349 37.70 10.70 -11.65
C PRO B 349 36.36 11.44 -11.61
N ALA B 350 35.46 11.12 -12.54
CA ALA B 350 34.14 11.75 -12.59
C ALA B 350 33.09 10.83 -13.21
N CYS B 351 31.84 11.27 -13.17
CA CYS B 351 30.73 10.56 -13.80
C CYS B 351 29.57 11.51 -14.10
N PHE B 352 28.76 11.16 -15.09
CA PHE B 352 27.51 11.87 -15.34
C PHE B 352 26.36 11.11 -14.70
N ILE B 353 25.53 11.82 -13.94
CA ILE B 353 24.42 11.18 -13.25
C ILE B 353 23.09 11.61 -13.87
N THR B 354 22.29 10.62 -14.26
CA THR B 354 20.97 10.85 -14.79
C THR B 354 19.97 10.13 -13.88
N GLN B 355 18.97 10.86 -13.38
CA GLN B 355 17.88 10.27 -12.61
C GLN B 355 16.86 9.68 -13.57
N LEU B 356 16.38 8.47 -13.28
CA LEU B 356 15.40 7.79 -14.14
C LEU B 356 14.02 7.65 -13.47
N LEU B 357 13.99 7.40 -12.17
CA LEU B 357 12.73 7.37 -11.43
C LEU B 357 12.83 8.26 -10.18
N PRO B 358 11.69 8.82 -9.73
CA PRO B 358 10.37 8.68 -10.35
C PRO B 358 10.13 9.59 -11.57
N VAL B 359 11.11 10.42 -11.94
CA VAL B 359 11.06 11.21 -13.18
C VAL B 359 12.43 11.23 -13.83
N LYS B 360 12.46 11.40 -15.15
CA LYS B 360 13.74 11.44 -15.86
C LYS B 360 14.31 12.85 -15.80
N ARG B 361 15.57 12.96 -15.38
CA ARG B 361 16.21 14.26 -15.21
C ARG B 361 17.72 14.11 -15.19
N LYS B 362 18.41 14.86 -16.05
CA LYS B 362 19.86 14.90 -16.03
C LYS B 362 20.35 15.73 -14.85
N LEU B 363 21.17 15.12 -13.98
CA LEU B 363 21.67 15.80 -12.78
C LEU B 363 23.04 16.47 -12.97
N GLY B 364 23.78 16.07 -14.00
CA GLY B 364 25.07 16.70 -14.31
C GLY B 364 26.28 15.89 -13.90
N PHE B 365 27.46 16.52 -13.96
CA PHE B 365 28.73 15.86 -13.66
C PHE B 365 29.05 15.88 -12.17
N TYR B 366 29.58 14.76 -11.66
CA TYR B 366 29.95 14.63 -10.26
C TYR B 366 31.38 14.12 -10.14
N GLU B 367 32.21 14.86 -9.41
CA GLU B 367 33.63 14.50 -9.21
C GLU B 367 33.71 13.40 -8.17
N TRP B 368 34.89 12.81 -8.01
CA TRP B 368 35.08 11.73 -7.03
C TRP B 368 34.85 12.19 -5.59
N THR B 369 35.03 13.48 -5.33
CA THR B 369 34.85 14.05 -4.00
C THR B 369 33.46 14.64 -3.77
N SER B 370 32.58 14.55 -4.77
CA SER B 370 31.24 15.15 -4.69
C SER B 370 30.30 14.35 -3.81
N ARG B 371 29.23 15.01 -3.37
CA ARG B 371 28.16 14.35 -2.62
C ARG B 371 26.86 14.43 -3.41
N LEU B 372 26.13 13.33 -3.42
CA LEU B 372 24.86 13.24 -4.12
C LEU B 372 23.73 13.37 -3.11
N ARG B 373 22.77 14.25 -3.40
CA ARG B 373 21.64 14.50 -2.51
C ARG B 373 20.33 14.31 -3.29
N SER B 374 19.42 13.52 -2.72
CA SER B 374 18.12 13.25 -3.33
C SER B 374 17.03 13.31 -2.29
N HIS B 375 15.83 13.68 -2.70
CA HIS B 375 14.64 13.57 -1.85
C HIS B 375 13.84 12.34 -2.26
N ILE B 376 13.41 11.55 -1.28
CA ILE B 376 12.78 10.27 -1.56
C ILE B 376 11.46 10.16 -0.79
N ASN B 377 10.38 9.87 -1.50
CA ASN B 377 9.08 9.72 -0.87
C ASN B 377 9.05 8.48 0.00
N PRO B 378 8.29 8.52 1.10
CA PRO B 378 8.05 7.31 1.89
C PRO B 378 7.59 6.16 1.01
N THR B 379 8.27 5.00 1.16
CA THR B 379 8.04 3.78 0.36
C THR B 379 8.39 3.93 -1.13
N GLY B 380 8.96 5.05 -1.51
CA GLY B 380 9.37 5.31 -2.87
C GLY B 380 10.83 5.05 -3.06
N THR B 381 11.28 5.19 -4.31
CA THR B 381 12.67 4.94 -4.66
C THR B 381 13.10 5.96 -5.69
N VAL B 382 14.35 6.39 -5.58
CA VAL B 382 14.99 7.17 -6.63
C VAL B 382 15.98 6.24 -7.30
N LEU B 383 15.87 6.14 -8.63
CA LEU B 383 16.78 5.31 -9.41
C LEU B 383 17.61 6.23 -10.28
N LEU B 384 18.93 6.08 -10.19
CA LEU B 384 19.87 6.87 -10.95
C LEU B 384 20.73 5.96 -11.84
N GLN B 385 21.27 6.54 -12.90
CA GLN B 385 22.28 5.88 -13.71
C GLN B 385 23.52 6.74 -13.70
N LEU B 386 24.64 6.12 -13.36
CA LEU B 386 25.92 6.79 -13.28
C LEU B 386 26.71 6.37 -14.50
N GLU B 387 27.08 7.33 -15.34
CA GLU B 387 27.83 7.07 -16.56
C GLU B 387 29.25 7.58 -16.35
N ASN B 388 30.19 6.66 -16.21
CA ASN B 388 31.58 7.00 -15.93
C ASN B 388 32.23 7.74 -17.10
N THR B 389 33.00 8.79 -16.77
CA THR B 389 33.70 9.59 -17.78
C THR B 389 34.99 10.20 -17.23
N MET B 390 35.98 10.38 -18.10
CA MET B 390 37.30 10.90 -17.70
C MET B 390 37.46 12.39 -18.05
N GLN B 391 36.46 13.20 -17.70
CA GLN B 391 36.47 14.64 -17.99
C GLN B 391 36.63 15.47 -16.71
C1 NAG C . 7.08 15.04 36.66
C2 NAG C . 6.23 14.09 37.50
C3 NAG C . 6.37 14.45 38.99
C4 NAG C . 7.85 14.59 39.38
C5 NAG C . 8.54 15.56 38.42
C6 NAG C . 10.03 15.71 38.69
C7 NAG C . 4.31 13.39 36.12
C8 NAG C . 2.86 13.63 35.78
N2 NAG C . 4.84 14.18 37.06
O3 NAG C . 5.76 13.48 39.81
O4 NAG C . 8.01 15.04 40.72
O5 NAG C . 8.40 15.02 37.13
O6 NAG C . 10.67 14.46 38.55
O7 NAG C . 4.93 12.50 35.53
C1 NAG C . 8.76 14.10 41.52
C2 NAG C . 9.41 14.85 42.67
C3 NAG C . 9.91 13.95 43.82
C4 NAG C . 9.14 12.64 44.01
C5 NAG C . 8.64 12.06 42.69
C6 NAG C . 7.74 10.86 42.94
C7 NAG C . 10.63 16.94 42.21
C8 NAG C . 11.89 17.54 41.63
N2 NAG C . 10.55 15.61 42.16
O3 NAG C . 9.88 14.69 45.02
O4 NAG C . 9.96 11.66 44.63
O5 NAG C . 7.94 13.05 41.99
O6 NAG C . 7.23 10.39 41.70
O7 NAG C . 9.76 17.68 42.68
C1 BMA C . 9.97 11.75 46.07
C2 BMA C . 10.14 10.36 46.69
C3 BMA C . 10.03 10.51 48.20
C4 BMA C . 11.05 11.53 48.72
C5 BMA C . 10.93 12.86 47.95
C6 BMA C . 11.99 13.87 48.39
O2 BMA C . 11.44 9.86 46.31
O3 BMA C . 10.20 9.25 48.89
O4 BMA C . 10.85 11.74 50.12
O5 BMA C . 11.00 12.62 46.54
O6 BMA C . 13.07 14.00 47.46
C1 XYP C . 11.45 8.56 45.66
C2 XYP C . 11.48 7.43 46.65
C3 XYP C . 11.82 6.14 45.92
C4 XYP C . 10.83 5.94 44.77
C5 XYP C . 10.73 7.20 43.92
O2 XYP C . 12.44 7.67 47.66
O3 XYP C . 11.80 5.06 46.82
O4 XYP C . 11.24 4.88 43.93
O5 XYP C . 10.49 8.33 44.74
C1 MAN C . 8.97 8.75 49.47
C2 MAN C . 9.01 8.93 51.00
C3 MAN C . 9.90 7.88 51.68
C4 MAN C . 9.57 6.48 51.18
C5 MAN C . 9.63 6.47 49.66
C6 MAN C . 9.32 5.10 49.07
O2 MAN C . 7.69 8.85 51.49
O3 MAN C . 9.76 7.95 53.08
O4 MAN C . 10.48 5.55 51.72
O5 MAN C . 8.71 7.40 49.14
O6 MAN C . 8.02 4.70 49.43
C1 MAN C . 14.19 13.13 47.74
C2 MAN C . 14.99 13.59 48.97
C3 MAN C . 15.94 14.75 48.70
C4 MAN C . 16.72 14.56 47.41
C5 MAN C . 15.81 14.11 46.26
C6 MAN C . 16.64 13.84 45.00
O2 MAN C . 15.69 12.49 49.51
O3 MAN C . 16.85 14.90 49.77
O4 MAN C . 17.38 15.77 47.07
O5 MAN C . 15.06 12.97 46.63
O6 MAN C . 16.01 12.88 44.16
C1 FUC C . 4.43 13.85 40.26
C2 FUC C . 3.79 12.67 41.00
C3 FUC C . 4.35 12.51 42.41
C4 FUC C . 4.31 13.83 43.16
C5 FUC C . 5.01 14.91 42.34
C6 FUC C . 4.97 16.27 43.04
O2 FUC C . 4.01 11.48 40.27
O3 FUC C . 3.63 11.52 43.12
O4 FUC C . 2.96 14.21 43.40
O5 FUC C . 4.40 15.01 41.07
C1 NAG D . -18.72 24.30 30.79
C2 NAG D . -19.30 24.81 29.48
C3 NAG D . -20.81 24.99 29.54
C4 NAG D . -21.46 23.72 30.08
C5 NAG D . -20.83 23.32 31.41
C6 NAG D . -21.37 21.99 31.88
C7 NAG D . -17.66 26.13 28.23
C8 NAG D . -17.03 27.48 28.01
N2 NAG D . -18.61 26.05 29.16
O3 NAG D . -21.36 25.30 28.26
O4 NAG D . -22.83 23.98 30.29
O5 NAG D . -19.43 23.18 31.31
O6 NAG D . -20.57 21.48 32.92
O7 NAG D . -17.30 25.17 27.54
C1 NAG D . -23.70 23.14 29.51
C2 NAG D . -25.07 23.14 30.20
C3 NAG D . -26.14 22.44 29.36
C4 NAG D . -26.11 22.84 27.89
C5 NAG D . -24.66 22.77 27.38
C6 NAG D . -24.50 23.17 25.92
C7 NAG D . -24.96 23.12 32.65
C8 NAG D . -24.83 22.25 33.88
N2 NAG D . -24.95 22.47 31.48
O3 NAG D . -27.41 22.70 29.89
O4 NAG D . -26.95 21.94 27.20
O5 NAG D . -23.82 23.59 28.17
O6 NAG D . -24.53 24.57 25.82
O7 NAG D . -25.08 24.34 32.77
C1 BMA D . -27.92 22.59 26.35
C2 BMA D . -28.40 21.62 25.28
C3 BMA D . -29.11 22.43 24.20
C4 BMA D . -30.25 23.25 24.82
C5 BMA D . -29.92 23.89 26.17
C6 BMA D . -31.20 24.22 26.92
O2 BMA D . -29.32 20.65 25.82
O3 BMA D . -29.65 21.56 23.19
O4 BMA D . -30.60 24.29 23.88
O5 BMA D . -29.08 23.08 27.02
O6 BMA D . -31.76 23.04 27.51
C1 XYP D . -28.73 19.43 26.32
C2 XYP D . -28.09 18.57 25.26
C3 XYP D . -27.84 17.18 25.85
C4 XYP D . -27.19 17.24 27.23
C5 XYP D . -27.71 18.40 28.10
O2 XYP D . -28.93 18.47 24.13
O3 XYP D . -26.99 16.45 24.99
O4 XYP D . -27.43 16.02 27.90
O5 XYP D . -27.86 19.58 27.35
C1 FUC D . -21.60 26.74 28.17
C2 FUC D . -21.40 27.25 26.74
C3 FUC D . -22.66 27.34 25.88
C4 FUC D . -23.87 27.83 26.68
C5 FUC D . -24.00 27.01 27.96
C6 FUC D . -25.23 27.43 28.76
O2 FUC D . -20.45 26.43 26.08
O3 FUC D . -22.42 28.21 24.80
O4 FUC D . -23.71 29.19 27.01
O5 FUC D . -22.84 27.15 28.75
C1 NAG E . -17.10 4.80 35.50
C2 NAG E . -17.60 3.99 36.69
C3 NAG E . -19.05 4.32 37.09
C4 NAG E . -19.28 5.84 37.10
C5 NAG E . -18.76 6.45 35.80
C6 NAG E . -18.94 7.97 35.75
C7 NAG E . -16.44 1.84 36.94
C8 NAG E . -16.38 0.40 36.53
N2 NAG E . -17.43 2.57 36.39
O3 NAG E . -19.31 3.82 38.39
O4 NAG E . -20.66 6.12 37.28
O5 NAG E . -17.39 6.17 35.69
O6 NAG E . -18.12 8.57 36.73
O7 NAG E . -15.61 2.29 37.72
C1 FUC E . -19.98 2.54 38.37
C2 FUC E . -19.72 1.84 39.71
C3 FUC E . -20.51 2.52 40.83
C4 FUC E . -21.98 2.64 40.46
C5 FUC E . -22.10 3.35 39.10
C6 FUC E . -23.56 3.47 38.67
O2 FUC E . -18.36 1.86 40.02
O3 FUC E . -20.36 1.77 42.03
O4 FUC E . -22.56 1.36 40.38
O5 FUC E . -21.37 2.64 38.12
C1 NAG E . -20.91 7.07 38.34
C2 NAG E . -22.37 7.52 38.24
C3 NAG E . -22.75 8.44 39.40
C4 NAG E . -22.27 7.91 40.76
C5 NAG E . -20.82 7.43 40.68
C6 NAG E . -20.40 6.75 41.98
C7 NAG E . -23.39 7.75 36.03
C8 NAG E . -23.53 8.61 34.79
N2 NAG E . -22.60 8.22 36.98
O3 NAG E . -24.15 8.57 39.44
O4 NAG E . -22.40 8.92 41.73
O5 NAG E . -20.66 6.52 39.62
O6 NAG E . -19.05 6.32 41.88
O7 NAG E . -24.01 6.69 36.10
C1 NAG F . 20.66 -29.13 -24.97
C2 NAG F . 20.41 -27.90 -25.84
C3 NAG F . 21.62 -27.51 -26.67
C4 NAG F . 22.84 -27.41 -25.77
C5 NAG F . 23.03 -28.70 -25.00
C6 NAG F . 24.19 -28.56 -24.03
C7 NAG F . 18.06 -27.71 -26.46
C8 NAG F . 17.02 -28.06 -27.49
N2 NAG F . 19.29 -28.14 -26.72
O3 NAG F . 21.35 -26.26 -27.26
O4 NAG F . 23.98 -27.19 -26.55
O5 NAG F . 21.87 -29.01 -24.26
O6 NAG F . 24.14 -29.59 -23.05
O7 NAG F . 17.75 -27.09 -25.45
C1 NAG F . 24.64 -25.94 -26.26
C2 NAG F . 26.09 -26.10 -26.72
C3 NAG F . 26.86 -24.79 -26.63
C4 NAG F . 26.09 -23.61 -27.21
C5 NAG F . 24.62 -23.61 -26.79
C6 NAG F . 23.83 -22.64 -27.67
C7 NAG F . 27.27 -28.22 -26.39
C8 NAG F . 27.92 -29.15 -25.40
N2 NAG F . 26.76 -27.09 -25.91
O3 NAG F . 28.07 -24.95 -27.35
O4 NAG F . 26.71 -22.44 -26.71
O5 NAG F . 24.01 -24.88 -26.94
O6 NAG F . 24.31 -21.32 -27.49
O7 NAG F . 27.21 -28.54 -27.59
C1 BMA F . 27.48 -21.77 -27.72
C2 BMA F . 27.94 -20.44 -27.16
C3 BMA F . 28.53 -19.62 -28.30
C4 BMA F . 29.69 -20.39 -28.93
C5 BMA F . 29.32 -21.85 -29.25
C6 BMA F . 30.57 -22.66 -29.58
O2 BMA F . 28.93 -20.65 -26.14
O3 BMA F . 28.98 -18.35 -27.81
O4 BMA F . 30.10 -19.73 -30.13
O5 BMA F . 28.63 -22.48 -28.15
O6 BMA F . 30.23 -24.02 -29.89
C1 XYP F . 28.49 -20.24 -24.83
C2 XYP F . 29.12 -21.16 -23.81
C3 XYP F . 28.73 -20.73 -22.38
C4 XYP F . 28.85 -19.22 -22.19
C5 XYP F . 28.27 -18.46 -23.37
O2 XYP F . 28.69 -22.49 -24.01
O3 XYP F . 29.55 -21.40 -21.45
O4 XYP F . 28.16 -18.86 -21.01
O5 XYP F . 28.82 -18.96 -24.57
C1 MAN F . 28.32 -17.26 -28.49
C2 MAN F . 29.04 -15.96 -28.12
C3 MAN F . 28.82 -15.61 -26.65
C4 MAN F . 27.34 -15.69 -26.27
C5 MAN F . 26.68 -16.96 -26.78
C6 MAN F . 25.18 -16.97 -26.57
O2 MAN F . 28.60 -14.91 -28.95
O3 MAN F . 29.35 -14.33 -26.36
O4 MAN F . 27.24 -15.64 -24.86
O5 MAN F . 26.95 -17.13 -28.17
O6 MAN F . 24.74 -18.27 -26.24
C1 NAG G . 27.08 -28.02 -6.05
C2 NAG G . 28.15 -28.80 -5.29
C3 NAG G . 29.45 -28.94 -6.06
C4 NAG G . 29.17 -29.42 -7.49
C5 NAG G . 28.12 -28.52 -8.13
C6 NAG G . 27.75 -28.95 -9.54
C7 NAG G . 27.80 -28.61 -2.89
C8 NAG G . 28.10 -27.83 -1.64
N2 NAG G . 28.35 -28.15 -4.00
O3 NAG G . 30.28 -29.89 -5.43
O4 NAG G . 30.37 -29.40 -8.22
O5 NAG G . 26.94 -28.57 -7.35
O6 NAG G . 27.16 -30.22 -9.48
O7 NAG G . 27.08 -29.62 -2.85
C1 NAG G . 30.59 -30.62 -8.97
C2 NAG G . 31.73 -30.37 -9.94
C3 NAG G . 32.29 -31.63 -10.61
C4 NAG G . 32.28 -32.86 -9.71
C5 NAG G . 30.99 -32.94 -8.90
C6 NAG G . 30.95 -34.14 -7.96
C7 NAG G . 31.48 -28.13 -10.93
C8 NAG G . 30.85 -27.35 -12.04
N2 NAG G . 31.22 -29.44 -10.94
O3 NAG G . 33.61 -31.37 -11.04
O4 NAG G . 32.40 -34.03 -10.50
O5 NAG G . 30.86 -31.74 -8.15
O6 NAG G . 31.51 -33.81 -6.70
O7 NAG G . 32.19 -27.56 -10.10
C1 BMA G . 33.76 -34.48 -10.68
C2 BMA G . 33.91 -35.88 -10.07
C3 BMA G . 35.33 -36.39 -10.25
C4 BMA G . 35.80 -36.26 -11.70
C5 BMA G . 35.52 -34.86 -12.24
C6 BMA G . 35.90 -34.76 -13.72
O2 BMA G . 32.98 -36.77 -10.70
O3 BMA G . 35.43 -37.76 -9.83
O4 BMA G . 37.20 -36.55 -11.78
O5 BMA G . 34.14 -34.53 -12.05
O6 BMA G . 37.16 -34.10 -13.86
C1 FUC G . 31.27 -29.29 -4.57
C2 FUC G . 31.79 -30.36 -3.60
C3 FUC G . 32.74 -31.34 -4.27
C4 FUC G . 33.79 -30.60 -5.09
C5 FUC G . 33.12 -29.62 -6.05
C6 FUC G . 34.15 -28.85 -6.86
O2 FUC G . 30.69 -31.07 -3.05
O3 FUC G . 33.38 -32.12 -3.27
O4 FUC G . 34.66 -29.90 -4.22
O5 FUC G . 32.34 -28.70 -5.30
C1 DGJ H . 1.66 10.92 20.04
C2 DGJ H . 0.28 11.26 19.49
O2 DGJ H . -0.62 10.16 19.68
C3 DGJ H . 0.44 11.64 18.02
O3 DGJ H . -0.85 11.82 17.41
C4 DGJ H . 1.25 12.92 17.95
O4 DGJ H . 0.50 13.98 18.55
C5 DGJ H . 2.60 12.78 18.66
N5 DGJ H . 2.44 12.12 19.94
C6 DGJ H . 3.27 14.13 18.90
O6 DGJ H . 4.62 13.97 19.29
O1 2PE I . -22.52 -8.08 15.58
C2 2PE I . -23.34 -7.12 14.89
C3 2PE I . -24.35 -6.50 15.84
O4 2PE I . -23.76 -5.40 16.53
C5 2PE I . -24.64 -4.28 16.71
C6 2PE I . -24.31 -3.53 18.00
O7 2PE I . -22.95 -3.10 17.98
C8 2PE I . -22.31 -3.17 19.25
C9 2PE I . -21.18 -4.19 19.19
O10 2PE I . -21.62 -5.43 18.62
C1 NAG J . 3.23 -39.79 -5.02
C2 NAG J . 4.60 -40.22 -4.49
C3 NAG J . 4.76 -41.74 -4.58
C4 NAG J . 3.56 -42.47 -3.97
C5 NAG J . 2.26 -41.89 -4.51
C6 NAG J . 1.04 -42.53 -3.85
C7 NAG J . 6.08 -38.30 -4.95
C8 NAG J . 7.21 -37.78 -5.79
N2 NAG J . 5.68 -39.55 -5.21
O3 NAG J . 5.95 -42.14 -3.93
O4 NAG J . 3.63 -43.85 -4.24
O5 NAG J . 2.27 -40.51 -4.26
O6 NAG J . -0.14 -41.90 -4.32
O7 NAG J . 5.57 -37.59 -4.09
C1 DGJ K . 2.90 -21.89 -6.13
C2 DGJ K . 3.79 -21.03 -7.02
O2 DGJ K . 4.92 -20.54 -6.29
C3 DGJ K . 2.97 -19.88 -7.62
O3 DGJ K . 3.84 -18.99 -8.36
C4 DGJ K . 1.88 -20.45 -8.52
O4 DGJ K . 2.46 -21.08 -9.68
C5 DGJ K . 1.00 -21.42 -7.73
N5 DGJ K . 1.80 -22.36 -6.93
C6 DGJ K . 0.10 -22.21 -8.66
O6 DGJ K . -0.83 -22.95 -7.86
O1 2PE L . 22.82 -34.22 -22.04
C2 2PE L . 23.08 -32.94 -22.61
C3 2PE L . 21.90 -32.01 -22.32
O4 2PE L . 21.95 -31.57 -20.97
C5 2PE L . 21.24 -30.35 -20.75
C6 2PE L . 21.13 -30.10 -19.26
O7 2PE L . 22.42 -29.75 -18.76
C8 2PE L . 22.57 -29.88 -17.34
C9 2PE L . 23.58 -30.96 -17.02
O10 2PE L . 24.74 -30.38 -16.40
C11 2PE L . 25.62 -31.37 -15.88
C12 2PE L . 27.06 -30.96 -16.17
O13 2PE L . 27.20 -30.62 -17.55
C14 2PE L . 27.58 -29.26 -17.80
C15 2PE L . 28.26 -29.15 -19.16
O16 2PE L . 27.29 -29.12 -20.20
O1 2PE M . 12.09 -19.77 -28.56
C2 2PE M . 13.48 -19.49 -28.72
C3 2PE M . 13.74 -18.64 -29.95
O4 2PE M . 14.25 -17.35 -29.58
C5 2PE M . 14.67 -16.57 -30.70
C6 2PE M . 13.83 -15.30 -30.82
O7 2PE M . 12.61 -15.59 -31.51
C8 2PE M . 12.09 -14.49 -32.26
C9 2PE M . 10.61 -14.30 -31.95
O10 2PE M . 9.88 -15.45 -32.36
C11 2PE M . 8.51 -15.37 -31.96
C12 2PE M . 7.73 -16.54 -32.54
O13 2PE M . 8.02 -17.71 -31.76
C14 2PE M . 7.77 -18.93 -32.45
C15 2PE M . 8.59 -20.05 -31.81
O16 2PE M . 9.93 -19.60 -31.60
C17 2PE M . 10.71 -19.50 -32.81
C18 2PE M . 11.85 -20.51 -32.78
O19 2PE M . 11.41 -21.74 -32.19
C20 2PE M . 12.46 -22.41 -31.51
C21 2PE M . 12.04 -23.84 -31.19
O22 2PE M . 13.16 -24.72 -31.29
C23 2PE M . 13.31 -25.32 -32.57
C24 2PE M . 12.35 -26.49 -32.75
O25 2PE M . 12.83 -27.40 -33.74
C26 2PE M . 12.01 -28.54 -33.89
C27 2PE M . 12.76 -29.79 -33.44
O28 2PE M . 11.88 -30.65 -32.71
O1 2PE N . 5.18 -12.68 0.04
C2 2PE N . 6.05 -13.17 1.06
C3 2PE N . 7.48 -13.35 0.53
O4 2PE N . 8.38 -13.61 1.62
C5 2PE N . 9.60 -14.27 1.26
C6 2PE N . 9.98 -15.33 2.29
O7 2PE N . 10.07 -16.64 1.70
C1 EDO O . 14.57 -11.69 6.76
O1 EDO O . 13.86 -10.55 7.22
C2 EDO O . 15.67 -12.05 7.76
O2 EDO O . 15.63 -13.46 8.04
O1 2PE P . 6.25 -30.30 -1.56
C2 2PE P . 5.86 -30.69 -0.24
C3 2PE P . 4.39 -31.10 -0.19
O4 2PE P . 3.58 -30.06 -0.74
C5 2PE P . 2.25 -30.01 -0.20
C6 2PE P . 1.32 -29.33 -1.19
O7 2PE P . 0.50 -28.35 -0.55
C8 2PE P . -0.37 -27.69 -1.48
C9 2PE P . -1.17 -26.60 -0.79
O10 2PE P . -0.48 -25.36 -0.91
C ACY Q . 24.89 -21.93 -17.71
O ACY Q . 24.00 -21.16 -17.30
OXT ACY Q . 25.47 -21.79 -18.81
CH3 ACY Q . 25.30 -23.08 -16.83
C ACY R . 6.49 -23.89 -34.11
O ACY R . 7.08 -22.90 -33.61
OXT ACY R . 5.52 -24.48 -33.58
CH3 ACY R . 6.98 -24.40 -35.43
#